data_5O5Q
#
_entry.id   5O5Q
#
_cell.length_a   91.540
_cell.length_b   91.540
_cell.length_c   352.550
_cell.angle_alpha   90.00
_cell.angle_beta   90.00
_cell.angle_gamma   120.00
#
_symmetry.space_group_name_H-M   'P 32 2 1'
#
loop_
_entity.id
_entity.type
_entity.pdbx_description
1 polymer 'RNase adapter protein RapZ'
2 non-polymer 'SULFATE ION'
3 water water
#
_entity_poly.entity_id   1
_entity_poly.type   'polypeptide(L)'
_entity_poly.pdbx_seq_one_letter_code
;MWSHPQFEKASMVLMIVSGRSGSGKSVALRALEDMGFYCVDNLPVVLLPDLARTLADREISAAVSIDVRNMPESPEIFEQ
AMSNLPDAFSPQLLFLDADRNTLIRRYSDTRRLHPLSSKNLSLESAIDKESDLLEPLRSRADLIVDTSEMSVHELAEMLR
TRLLGKRERELTMVFESFGFKHGIPIDADYVFDVRFLPNPHWDPKLRPMTGLDKPVAAFLDRHTEVHNFIYQTRSYLELW
LPMLETNNRSYLTVAIGCTGGKHRSVYIAEQLADYFRSRGKNVQSRHRTLEKRKP
;
_entity_poly.pdbx_strand_id   A,B,D,C
#
loop_
_chem_comp.id
_chem_comp.type
_chem_comp.name
_chem_comp.formula
SO4 non-polymer 'SULFATE ION' 'O4 S -2'
#
# COMPACT_ATOMS: atom_id res chain seq x y z
N ALA A 10 15.94 -6.69 -45.03
CA ALA A 10 14.76 -6.52 -44.19
C ALA A 10 14.34 -7.84 -43.54
N SER A 11 13.34 -8.49 -44.14
CA SER A 11 12.90 -9.83 -43.75
C SER A 11 12.32 -9.86 -42.34
N MET A 12 11.24 -9.11 -42.14
CA MET A 12 10.50 -9.11 -40.89
C MET A 12 9.18 -9.86 -41.05
N VAL A 13 8.66 -10.34 -39.93
CA VAL A 13 7.55 -11.29 -39.91
C VAL A 13 6.27 -10.55 -39.52
N LEU A 14 5.13 -11.19 -39.80
CA LEU A 14 3.83 -10.74 -39.30
C LEU A 14 3.04 -11.98 -38.88
N MET A 15 3.14 -12.35 -37.61
CA MET A 15 2.39 -13.47 -37.08
C MET A 15 0.97 -13.02 -36.77
N ILE A 16 -0.01 -13.60 -37.46
CA ILE A 16 -1.42 -13.33 -37.23
C ILE A 16 -1.95 -14.42 -36.30
N VAL A 17 -2.44 -14.01 -35.13
CA VAL A 17 -2.94 -14.93 -34.12
C VAL A 17 -4.46 -14.84 -34.10
N SER A 18 -5.14 -15.98 -34.21
CA SER A 18 -6.59 -16.03 -34.23
C SER A 18 -7.05 -17.25 -33.44
N GLY A 19 -8.37 -17.36 -33.26
CA GLY A 19 -8.96 -18.42 -32.47
C GLY A 19 -10.17 -17.90 -31.71
N ARG A 20 -10.99 -18.80 -31.17
CA ARG A 20 -12.18 -18.39 -30.45
C ARG A 20 -11.80 -17.72 -29.13
N SER A 21 -12.71 -16.89 -28.62
CA SER A 21 -12.47 -16.17 -27.39
C SER A 21 -12.30 -17.16 -26.24
N GLY A 22 -11.14 -17.11 -25.59
CA GLY A 22 -10.78 -18.06 -24.55
C GLY A 22 -9.76 -19.08 -24.97
N SER A 23 -9.29 -19.04 -26.22
CA SER A 23 -8.31 -20.00 -26.72
C SER A 23 -6.88 -19.59 -26.42
N GLY A 24 -6.66 -18.43 -25.79
CA GLY A 24 -5.33 -18.05 -25.38
C GLY A 24 -4.50 -17.27 -26.36
N LYS A 25 -5.13 -16.53 -27.29
CA LYS A 25 -4.34 -15.70 -28.20
C LYS A 25 -3.62 -14.58 -27.46
N SER A 26 -4.24 -14.02 -26.41
CA SER A 26 -3.58 -12.97 -25.65
C SER A 26 -2.30 -13.47 -25.01
N VAL A 27 -2.27 -14.74 -24.61
CA VAL A 27 -1.05 -15.30 -24.03
C VAL A 27 0.00 -15.49 -25.12
N ALA A 28 -0.43 -15.97 -26.30
CA ALA A 28 0.47 -16.04 -27.44
C ALA A 28 0.95 -14.64 -27.82
N LEU A 29 0.01 -13.71 -27.93
CA LEU A 29 0.36 -12.33 -28.25
C LEU A 29 1.35 -11.77 -27.24
N ARG A 30 1.14 -12.07 -25.95
CA ARG A 30 2.08 -11.65 -24.90
C ARG A 30 3.45 -12.28 -25.10
N ALA A 31 3.49 -13.57 -25.44
CA ALA A 31 4.76 -14.26 -25.66
C ALA A 31 5.55 -13.62 -26.79
N LEU A 32 4.90 -13.41 -27.94
CA LEU A 32 5.54 -12.72 -29.06
C LEU A 32 6.09 -11.36 -28.64
N GLU A 33 5.38 -10.67 -27.75
CA GLU A 33 5.86 -9.39 -27.23
C GLU A 33 7.20 -9.54 -26.51
N ASP A 34 7.35 -10.63 -25.75
CA ASP A 34 8.61 -10.87 -25.06
C ASP A 34 9.76 -11.03 -26.05
N MET A 35 9.51 -11.75 -27.16
CA MET A 35 10.54 -11.93 -28.19
C MET A 35 10.93 -10.64 -28.86
N GLY A 36 10.10 -9.62 -28.78
CA GLY A 36 10.37 -8.35 -29.43
C GLY A 36 9.33 -7.94 -30.43
N PHE A 37 8.25 -8.70 -30.59
CA PHE A 37 7.21 -8.35 -31.56
C PHE A 37 6.43 -7.15 -31.07
N TYR A 38 6.00 -6.31 -32.01
CA TYR A 38 5.04 -5.26 -31.72
C TYR A 38 3.65 -5.87 -31.83
N CYS A 39 2.96 -6.01 -30.70
CA CYS A 39 1.69 -6.73 -30.65
C CYS A 39 0.54 -5.74 -30.54
N VAL A 40 -0.43 -5.87 -31.44
CA VAL A 40 -1.62 -5.03 -31.46
C VAL A 40 -2.84 -5.94 -31.43
N ASP A 41 -3.71 -5.74 -30.44
CA ASP A 41 -4.91 -6.54 -30.27
C ASP A 41 -6.08 -5.85 -30.94
N ASN A 42 -6.92 -6.64 -31.60
CA ASN A 42 -8.22 -6.19 -32.12
C ASN A 42 -8.07 -5.10 -33.18
N LEU A 43 -6.95 -5.05 -33.89
CA LEU A 43 -6.79 -4.05 -34.94
C LEU A 43 -7.73 -4.41 -36.09
N PRO A 44 -8.46 -3.45 -36.67
CA PRO A 44 -9.30 -3.78 -37.82
C PRO A 44 -8.44 -4.26 -38.97
N VAL A 45 -8.92 -5.32 -39.64
CA VAL A 45 -8.11 -5.98 -40.66
C VAL A 45 -7.73 -5.01 -41.77
N VAL A 46 -8.64 -4.08 -42.10
CA VAL A 46 -8.41 -3.11 -43.18
C VAL A 46 -7.11 -2.36 -42.97
N LEU A 47 -6.73 -2.11 -41.71
CA LEU A 47 -5.55 -1.32 -41.37
C LEU A 47 -4.29 -2.15 -41.18
N LEU A 48 -4.31 -3.43 -41.54
CA LEU A 48 -3.11 -4.25 -41.41
C LEU A 48 -1.94 -3.72 -42.26
N PRO A 49 -2.13 -3.37 -43.53
CA PRO A 49 -1.02 -2.72 -44.26
C PRO A 49 -0.54 -1.44 -43.60
N ASP A 50 -1.47 -0.56 -43.23
CA ASP A 50 -1.10 0.72 -42.64
C ASP A 50 -0.23 0.53 -41.40
N LEU A 51 -0.57 -0.43 -40.55
CA LEU A 51 0.23 -0.70 -39.36
C LEU A 51 1.66 -1.05 -39.73
N ALA A 52 1.85 -1.97 -40.67
CA ALA A 52 3.19 -2.40 -41.06
C ALA A 52 4.04 -1.23 -41.52
N ARG A 53 3.49 -0.40 -42.41
CA ARG A 53 4.22 0.76 -42.93
C ARG A 53 4.78 1.63 -41.80
N THR A 54 4.00 1.80 -40.73
CA THR A 54 4.45 2.60 -39.59
C THR A 54 5.67 1.96 -38.91
N LEU A 55 5.72 0.63 -38.86
CA LEU A 55 6.78 -0.11 -38.19
C LEU A 55 7.99 -0.35 -39.08
N ALA A 56 7.80 -0.34 -40.40
CA ALA A 56 8.90 -0.60 -41.35
C ALA A 56 10.14 0.21 -41.01
N ASP A 57 9.96 1.51 -40.75
CA ASP A 57 11.11 2.35 -40.40
C ASP A 57 11.84 1.83 -39.17
N ARG A 58 11.08 1.38 -38.16
CA ARG A 58 11.69 0.85 -36.96
C ARG A 58 12.38 -0.49 -37.21
N GLU A 59 12.03 -1.18 -38.29
CA GLU A 59 12.65 -2.45 -38.68
C GLU A 59 12.43 -3.51 -37.59
N ILE A 60 11.15 -3.73 -37.26
CA ILE A 60 10.74 -4.73 -36.29
C ILE A 60 9.55 -5.51 -36.82
N SER A 61 9.38 -6.73 -36.30
CA SER A 61 8.25 -7.56 -36.69
C SER A 61 7.00 -7.14 -35.91
N ALA A 62 5.85 -7.67 -36.33
CA ALA A 62 4.57 -7.31 -35.74
C ALA A 62 3.68 -8.53 -35.62
N ALA A 63 2.75 -8.47 -34.66
CA ALA A 63 1.78 -9.53 -34.44
C ALA A 63 0.42 -8.90 -34.16
N VAL A 64 -0.64 -9.48 -34.72
CA VAL A 64 -1.99 -8.94 -34.59
C VAL A 64 -2.98 -10.08 -34.32
N SER A 65 -4.07 -9.74 -33.67
CA SER A 65 -5.13 -10.68 -33.31
C SER A 65 -6.34 -10.44 -34.19
N ILE A 66 -6.99 -11.52 -34.61
CA ILE A 66 -8.19 -11.47 -35.43
C ILE A 66 -9.23 -12.33 -34.75
N ASP A 67 -10.29 -11.70 -34.22
CA ASP A 67 -11.35 -12.48 -33.58
C ASP A 67 -12.72 -12.14 -34.14
N VAL A 68 -13.77 -12.68 -33.52
CA VAL A 68 -15.14 -12.42 -33.94
C VAL A 68 -15.44 -10.92 -33.90
N ARG A 69 -14.90 -10.23 -32.90
CA ARG A 69 -15.04 -8.77 -32.83
C ARG A 69 -14.32 -8.12 -34.00
N ASN A 70 -13.16 -8.66 -34.37
CA ASN A 70 -12.31 -8.09 -35.41
C ASN A 70 -12.60 -8.66 -36.80
N MET A 71 -13.21 -9.84 -36.87
CA MET A 71 -13.39 -10.54 -38.15
C MET A 71 -14.25 -9.68 -39.08
N PRO A 72 -13.79 -9.41 -40.30
CA PRO A 72 -14.62 -8.68 -41.27
C PRO A 72 -15.73 -9.56 -41.82
N GLU A 73 -16.63 -8.91 -42.57
CA GLU A 73 -17.83 -9.60 -43.04
C GLU A 73 -17.57 -10.47 -44.27
N SER A 74 -16.57 -10.13 -45.07
CA SER A 74 -16.29 -10.87 -46.30
C SER A 74 -14.80 -11.14 -46.43
N PRO A 75 -14.41 -12.36 -46.83
CA PRO A 75 -12.97 -12.69 -46.81
C PRO A 75 -12.15 -11.87 -47.78
N GLU A 76 -12.77 -11.31 -48.82
CA GLU A 76 -12.04 -10.52 -49.82
C GLU A 76 -11.21 -9.40 -49.18
N ILE A 77 -11.81 -8.65 -48.25
CA ILE A 77 -11.09 -7.52 -47.64
C ILE A 77 -9.84 -8.01 -46.91
N PHE A 78 -9.89 -9.21 -46.32
CA PHE A 78 -8.70 -9.76 -45.67
C PHE A 78 -7.57 -9.88 -46.68
N GLU A 79 -7.82 -10.59 -47.79
CA GLU A 79 -6.79 -10.75 -48.82
C GLU A 79 -6.39 -9.40 -49.41
N GLN A 80 -7.36 -8.52 -49.70
CA GLN A 80 -7.04 -7.20 -50.23
C GLN A 80 -6.08 -6.48 -49.28
N ALA A 81 -6.43 -6.42 -47.99
CA ALA A 81 -5.51 -5.88 -47.00
C ALA A 81 -4.24 -6.73 -46.94
N MET A 82 -4.39 -8.06 -46.92
CA MET A 82 -3.25 -8.96 -46.90
C MET A 82 -2.35 -8.74 -48.10
N SER A 83 -2.94 -8.65 -49.30
CA SER A 83 -2.13 -8.41 -50.50
C SER A 83 -1.48 -7.04 -50.45
N ASN A 84 -2.17 -6.04 -49.90
CA ASN A 84 -1.63 -4.69 -49.88
C ASN A 84 -0.69 -4.45 -48.71
N LEU A 85 0.09 -5.45 -48.34
CA LEU A 85 1.02 -5.25 -47.24
C LEU A 85 2.42 -5.32 -47.82
N PRO A 86 3.37 -4.54 -47.31
CA PRO A 86 4.66 -4.43 -47.98
C PRO A 86 5.39 -5.76 -48.03
N ASP A 87 6.17 -5.93 -49.10
CA ASP A 87 6.86 -7.19 -49.35
C ASP A 87 7.79 -7.57 -48.21
N ALA A 88 8.40 -6.59 -47.55
CA ALA A 88 9.26 -6.85 -46.41
C ALA A 88 8.64 -7.79 -45.38
N PHE A 89 7.31 -7.75 -45.23
CA PHE A 89 6.60 -8.52 -44.23
C PHE A 89 6.07 -9.83 -44.79
N SER A 90 6.49 -10.95 -44.20
CA SER A 90 5.97 -12.24 -44.58
C SER A 90 4.85 -12.60 -43.61
N PRO A 91 3.61 -12.76 -44.08
CA PRO A 91 2.51 -13.09 -43.18
C PRO A 91 2.48 -14.56 -42.79
N GLN A 92 2.25 -14.82 -41.51
CA GLN A 92 2.09 -16.18 -41.02
C GLN A 92 0.85 -16.20 -40.13
N LEU A 93 0.05 -17.26 -40.24
CA LEU A 93 -1.23 -17.33 -39.57
C LEU A 93 -1.23 -18.45 -38.55
N LEU A 94 -1.63 -18.13 -37.33
CA LEU A 94 -1.74 -19.09 -36.25
C LEU A 94 -3.19 -19.15 -35.80
N PHE A 95 -3.65 -20.35 -35.45
CA PHE A 95 -5.03 -20.57 -35.04
C PHE A 95 -5.04 -21.47 -33.82
N LEU A 96 -5.69 -21.00 -32.75
CA LEU A 96 -5.83 -21.77 -31.52
C LEU A 96 -7.29 -22.16 -31.33
N ASP A 97 -7.51 -23.36 -30.79
CA ASP A 97 -8.85 -23.82 -30.47
C ASP A 97 -8.73 -24.70 -29.23
N ALA A 98 -9.68 -24.56 -28.32
CA ALA A 98 -9.71 -25.36 -27.11
C ALA A 98 -11.06 -26.03 -26.97
N ASP A 99 -11.15 -26.99 -26.05
CA ASP A 99 -12.37 -27.72 -25.83
C ASP A 99 -13.51 -26.78 -25.49
N ARG A 100 -14.73 -27.17 -25.87
CA ARG A 100 -15.89 -26.30 -25.73
C ARG A 100 -16.09 -25.86 -24.29
N ASN A 101 -16.09 -26.82 -23.36
CA ASN A 101 -16.27 -26.52 -21.95
C ASN A 101 -15.10 -25.73 -21.37
N THR A 102 -13.90 -25.91 -21.91
CA THR A 102 -12.72 -25.25 -21.36
C THR A 102 -12.76 -23.74 -21.56
N LEU A 103 -13.23 -23.30 -22.73
CA LEU A 103 -13.29 -21.86 -23.01
C LEU A 103 -14.14 -21.12 -21.98
N ILE A 104 -15.27 -21.71 -21.59
CA ILE A 104 -16.15 -21.09 -20.59
C ILE A 104 -15.40 -20.89 -19.28
N ARG A 105 -14.64 -21.91 -18.85
CA ARG A 105 -13.86 -21.77 -17.62
C ARG A 105 -12.81 -20.68 -17.76
N ARG A 106 -12.23 -20.55 -18.96
CA ARG A 106 -11.24 -19.50 -19.18
C ARG A 106 -11.88 -18.13 -19.23
N TYR A 107 -13.12 -18.05 -19.72
CA TYR A 107 -13.79 -16.75 -19.82
C TYR A 107 -14.17 -16.22 -18.44
N SER A 108 -14.33 -17.11 -17.46
CA SER A 108 -14.70 -16.70 -16.11
C SER A 108 -13.82 -17.39 -15.06
N LEU A 123 -25.68 -18.98 -24.91
CA LEU A 123 -24.24 -18.78 -24.74
C LEU A 123 -23.44 -19.89 -25.42
N GLU A 124 -23.55 -21.12 -24.89
CA GLU A 124 -22.92 -22.26 -25.53
C GLU A 124 -23.34 -22.42 -26.99
N SER A 125 -24.55 -21.98 -27.33
CA SER A 125 -24.96 -21.95 -28.74
C SER A 125 -24.22 -20.85 -29.48
N ALA A 126 -24.02 -19.70 -28.83
CA ALA A 126 -23.26 -18.61 -29.43
C ALA A 126 -21.82 -19.01 -29.69
N ILE A 127 -21.22 -19.81 -28.79
CA ILE A 127 -19.84 -20.24 -28.97
C ILE A 127 -19.70 -21.03 -30.25
N ASP A 128 -20.72 -21.82 -30.61
CA ASP A 128 -20.72 -22.52 -31.89
C ASP A 128 -20.64 -21.51 -33.03
N LYS A 129 -21.46 -20.45 -32.96
CA LYS A 129 -21.40 -19.40 -33.98
C LYS A 129 -20.02 -18.79 -34.07
N GLU A 130 -19.35 -18.58 -32.93
CA GLU A 130 -17.97 -18.06 -32.96
C GLU A 130 -17.08 -18.97 -33.80
N SER A 131 -17.17 -20.27 -33.59
CA SER A 131 -16.40 -21.21 -34.41
C SER A 131 -16.82 -21.14 -35.87
N ASP A 132 -18.13 -21.10 -36.12
CA ASP A 132 -18.65 -21.01 -37.49
C ASP A 132 -18.10 -19.79 -38.22
N LEU A 133 -18.10 -18.64 -37.55
CA LEU A 133 -17.65 -17.40 -38.18
C LEU A 133 -16.13 -17.37 -38.38
N LEU A 134 -15.38 -18.21 -37.66
CA LEU A 134 -13.94 -18.27 -37.82
C LEU A 134 -13.48 -19.49 -38.61
N GLU A 135 -14.32 -20.00 -39.51
CA GLU A 135 -13.92 -21.12 -40.36
C GLU A 135 -12.90 -20.65 -41.41
N PRO A 136 -13.11 -19.51 -42.09
CA PRO A 136 -12.13 -19.08 -43.10
C PRO A 136 -10.69 -19.10 -42.63
N LEU A 137 -10.39 -18.48 -41.48
CA LEU A 137 -9.00 -18.39 -41.03
C LEU A 137 -8.45 -19.76 -40.64
N ARG A 138 -9.29 -20.63 -40.06
CA ARG A 138 -8.83 -21.96 -39.72
C ARG A 138 -8.44 -22.73 -40.98
N SER A 139 -9.25 -22.59 -42.03
CA SER A 139 -8.96 -23.27 -43.28
C SER A 139 -7.65 -22.78 -43.89
N ARG A 140 -7.35 -21.49 -43.72
CA ARG A 140 -6.11 -20.92 -44.23
C ARG A 140 -5.05 -20.78 -43.15
N ALA A 141 -5.16 -21.51 -42.05
CA ALA A 141 -4.17 -21.38 -41.00
C ALA A 141 -2.91 -22.14 -41.39
N ASP A 142 -1.77 -21.52 -41.13
CA ASP A 142 -0.50 -22.19 -41.38
C ASP A 142 -0.26 -23.28 -40.33
N LEU A 143 -0.47 -22.93 -39.07
CA LEU A 143 -0.27 -23.85 -37.96
C LEU A 143 -1.47 -23.76 -37.02
N ILE A 144 -1.93 -24.91 -36.54
CA ILE A 144 -3.02 -25.02 -35.58
C ILE A 144 -2.45 -25.59 -34.28
N VAL A 145 -2.86 -25.04 -33.14
CA VAL A 145 -2.45 -25.55 -31.84
C VAL A 145 -3.65 -25.60 -30.91
N ASP A 146 -4.04 -26.81 -30.50
CA ASP A 146 -5.06 -26.96 -29.45
C ASP A 146 -4.51 -26.40 -28.13
N THR A 147 -5.36 -25.72 -27.36
CA THR A 147 -4.99 -25.24 -26.03
C THR A 147 -5.93 -25.77 -24.95
N SER A 148 -6.46 -26.99 -25.14
CA SER A 148 -7.35 -27.56 -24.14
C SER A 148 -6.57 -28.09 -22.94
N GLU A 149 -5.40 -28.68 -23.18
CA GLU A 149 -4.58 -29.23 -22.11
C GLU A 149 -3.39 -28.36 -21.74
N MET A 150 -3.09 -27.34 -22.54
CA MET A 150 -1.89 -26.56 -22.31
C MET A 150 -2.10 -25.55 -21.18
N SER A 151 -1.01 -25.23 -20.48
CA SER A 151 -0.99 -24.16 -19.49
C SER A 151 -0.03 -23.08 -19.96
N VAL A 152 -0.20 -21.86 -19.42
CA VAL A 152 0.47 -20.67 -19.93
C VAL A 152 1.95 -20.94 -20.16
N HIS A 153 2.57 -21.74 -19.30
CA HIS A 153 3.96 -22.15 -19.55
C HIS A 153 4.04 -23.06 -20.77
N GLU A 154 3.16 -24.05 -20.88
CA GLU A 154 3.26 -25.03 -21.96
C GLU A 154 3.13 -24.38 -23.33
N LEU A 155 2.18 -23.44 -23.48
CA LEU A 155 2.04 -22.75 -24.76
C LEU A 155 3.18 -21.78 -25.00
N ALA A 156 3.75 -21.22 -23.94
CA ALA A 156 4.88 -20.32 -24.08
C ALA A 156 6.03 -21.01 -24.81
N GLU A 157 6.55 -22.08 -24.22
CA GLU A 157 7.66 -22.78 -24.85
C GLU A 157 7.25 -23.39 -26.17
N MET A 158 5.95 -23.73 -26.31
CA MET A 158 5.45 -24.24 -27.59
C MET A 158 5.69 -23.22 -28.70
N LEU A 159 5.40 -21.94 -28.43
CA LEU A 159 5.67 -20.91 -29.43
C LEU A 159 7.17 -20.72 -29.61
N ARG A 160 7.92 -20.74 -28.51
CA ARG A 160 9.37 -20.62 -28.58
C ARG A 160 9.97 -21.71 -29.44
N THR A 161 9.53 -22.96 -29.24
CA THR A 161 10.04 -24.08 -30.03
C THR A 161 9.82 -23.85 -31.53
N ARG A 162 8.65 -23.33 -31.90
CA ARG A 162 8.37 -23.07 -33.31
C ARG A 162 9.31 -22.01 -33.87
N LEU A 163 9.66 -21.02 -33.05
CA LEU A 163 10.61 -19.98 -33.47
C LEU A 163 12.06 -20.43 -33.31
N ARG A 167 15.16 -23.60 -30.54
CA ARG A 167 16.07 -24.66 -30.99
C ARG A 167 16.82 -25.31 -29.82
N GLU A 168 17.84 -26.11 -30.14
CA GLU A 168 18.60 -26.84 -29.15
C GLU A 168 20.09 -26.58 -29.35
N ARG A 169 20.90 -27.24 -28.52
CA ARG A 169 22.37 -27.11 -28.52
C ARG A 169 22.79 -25.66 -28.23
N GLU A 170 22.44 -25.21 -27.02
CA GLU A 170 22.69 -23.85 -26.55
C GLU A 170 23.02 -23.90 -25.07
N LEU A 171 23.23 -22.74 -24.47
CA LEU A 171 23.55 -22.71 -23.05
C LEU A 171 22.29 -22.98 -22.23
N THR A 172 22.42 -23.83 -21.22
CA THR A 172 21.33 -24.19 -20.33
C THR A 172 21.54 -23.49 -18.99
N MET A 173 20.57 -22.69 -18.56
CA MET A 173 20.64 -21.96 -17.30
C MET A 173 19.90 -22.75 -16.23
N VAL A 174 20.62 -23.16 -15.19
CA VAL A 174 20.02 -23.91 -14.09
C VAL A 174 19.87 -22.98 -12.89
N PHE A 175 18.65 -22.85 -12.39
CA PHE A 175 18.34 -22.09 -11.18
C PHE A 175 17.88 -23.08 -10.14
N GLU A 176 18.67 -23.27 -9.09
CA GLU A 176 18.36 -24.24 -8.06
C GLU A 176 18.33 -23.59 -6.68
N SER A 177 17.33 -23.97 -5.89
CA SER A 177 17.22 -23.52 -4.51
C SER A 177 17.84 -24.56 -3.58
N PHE A 178 18.37 -24.08 -2.46
CA PHE A 178 19.02 -24.94 -1.49
C PHE A 178 18.95 -24.26 -0.13
N GLY A 179 19.22 -25.05 0.91
CA GLY A 179 19.35 -24.55 2.26
C GLY A 179 20.81 -24.55 2.67
N PHE A 180 21.26 -23.42 3.21
CA PHE A 180 22.67 -23.32 3.60
C PHE A 180 23.05 -24.32 4.67
N LYS A 181 22.10 -24.74 5.52
CA LYS A 181 22.43 -25.72 6.55
C LYS A 181 22.80 -27.07 5.95
N HIS A 182 22.35 -27.37 4.73
CA HIS A 182 22.72 -28.61 4.06
C HIS A 182 23.96 -28.48 3.17
N GLY A 183 24.35 -27.27 2.80
CA GLY A 183 25.52 -27.07 1.96
C GLY A 183 25.14 -26.53 0.59
N ILE A 184 26.15 -26.02 -0.11
CA ILE A 184 25.99 -25.43 -1.43
C ILE A 184 26.04 -26.50 -2.51
N PRO A 185 25.14 -26.47 -3.50
CA PRO A 185 25.22 -27.44 -4.59
C PRO A 185 26.61 -27.39 -5.22
N ILE A 186 27.19 -28.57 -5.44
CA ILE A 186 28.58 -28.64 -5.89
C ILE A 186 28.75 -28.00 -7.25
N ASP A 187 27.73 -28.08 -8.12
CA ASP A 187 27.79 -27.63 -9.49
C ASP A 187 27.48 -26.14 -9.65
N ALA A 188 27.23 -25.42 -8.57
CA ALA A 188 26.79 -24.03 -8.69
C ALA A 188 27.94 -23.12 -9.14
N ASP A 189 27.59 -22.18 -10.02
CA ASP A 189 28.52 -21.17 -10.50
C ASP A 189 28.34 -19.84 -9.77
N TYR A 190 27.10 -19.40 -9.59
CA TYR A 190 26.77 -18.24 -8.78
C TYR A 190 25.93 -18.71 -7.60
N VAL A 191 26.15 -18.09 -6.44
CA VAL A 191 25.35 -18.36 -5.25
C VAL A 191 24.92 -17.02 -4.68
N PHE A 192 23.62 -16.87 -4.42
CA PHE A 192 23.06 -15.65 -3.87
C PHE A 192 22.35 -15.97 -2.57
N ASP A 193 22.73 -15.26 -1.50
CA ASP A 193 22.12 -15.43 -0.20
C ASP A 193 20.92 -14.49 -0.11
N VAL A 194 19.76 -15.05 0.25
CA VAL A 194 18.51 -14.32 0.35
C VAL A 194 17.96 -14.33 1.79
N ARG A 195 18.79 -14.67 2.77
CA ARG A 195 18.33 -14.81 4.14
C ARG A 195 18.02 -13.47 4.81
N PHE A 196 18.28 -12.34 4.15
CA PHE A 196 17.93 -11.03 4.70
C PHE A 196 16.53 -10.58 4.32
N LEU A 197 15.86 -11.28 3.41
CA LEU A 197 14.53 -10.90 2.96
C LEU A 197 13.46 -11.32 3.97
N PRO A 198 12.26 -10.74 3.87
CA PRO A 198 11.16 -11.17 4.74
C PRO A 198 11.03 -12.68 4.80
N ASN A 199 10.75 -13.20 6.01
CA ASN A 199 10.70 -14.65 6.19
C ASN A 199 9.26 -15.13 6.21
N PRO A 200 8.91 -16.16 5.44
CA PRO A 200 7.56 -16.72 5.55
C PRO A 200 7.35 -17.58 6.77
N HIS A 201 8.41 -18.18 7.32
CA HIS A 201 8.30 -18.96 8.55
C HIS A 201 7.80 -18.09 9.71
N TRP A 202 7.82 -16.76 9.55
CA TRP A 202 7.20 -15.86 10.52
C TRP A 202 5.73 -16.19 10.74
N ASP A 203 4.90 -15.93 9.73
CA ASP A 203 3.50 -16.36 9.76
C ASP A 203 3.45 -17.87 9.96
N PRO A 204 2.85 -18.35 11.05
CA PRO A 204 2.83 -19.80 11.31
C PRO A 204 1.95 -20.61 10.36
N LYS A 205 1.19 -19.96 9.47
CA LYS A 205 0.47 -20.71 8.43
C LYS A 205 1.44 -21.30 7.41
N LEU A 206 2.46 -20.54 7.04
CA LEU A 206 3.32 -20.87 5.91
C LEU A 206 4.49 -21.78 6.26
N ARG A 207 4.77 -22.00 7.54
CA ARG A 207 5.90 -22.85 7.93
C ARG A 207 5.87 -24.23 7.30
N PRO A 208 4.74 -24.92 7.15
CA PRO A 208 4.75 -26.20 6.43
C PRO A 208 4.63 -26.05 4.92
N MET A 209 4.33 -24.86 4.40
CA MET A 209 4.23 -24.65 2.97
C MET A 209 5.62 -24.44 2.35
N THR A 210 5.68 -24.55 1.03
CA THR A 210 6.89 -24.33 0.25
C THR A 210 6.73 -23.08 -0.62
N GLY A 211 7.86 -22.63 -1.17
CA GLY A 211 7.86 -21.45 -2.02
C GLY A 211 7.03 -21.61 -3.28
N LEU A 212 6.74 -22.85 -3.67
CA LEU A 212 5.87 -23.10 -4.82
C LEU A 212 4.40 -22.86 -4.49
N ASP A 213 4.02 -22.94 -3.22
CA ASP A 213 2.62 -22.80 -2.82
C ASP A 213 2.18 -21.35 -2.91
N LYS A 214 1.00 -21.13 -3.51
CA LYS A 214 0.52 -19.77 -3.75
C LYS A 214 0.48 -18.89 -2.51
N PRO A 215 0.13 -19.37 -1.31
CA PRO A 215 0.22 -18.47 -0.13
C PRO A 215 1.59 -17.86 0.08
N VAL A 216 2.66 -18.66 0.02
CA VAL A 216 4.01 -18.13 0.16
C VAL A 216 4.33 -17.14 -0.94
N ALA A 217 3.86 -17.41 -2.16
CA ALA A 217 4.04 -16.46 -3.25
C ALA A 217 3.42 -15.12 -2.92
N ALA A 218 2.13 -15.13 -2.55
CA ALA A 218 1.45 -13.88 -2.24
C ALA A 218 2.12 -13.15 -1.09
N PHE A 219 2.60 -13.89 -0.08
CA PHE A 219 3.31 -13.26 1.03
C PHE A 219 4.54 -12.51 0.54
N LEU A 220 5.42 -13.22 -0.18
CA LEU A 220 6.64 -12.62 -0.66
C LEU A 220 6.36 -11.57 -1.72
N ASP A 221 5.34 -11.80 -2.55
CA ASP A 221 4.97 -10.84 -3.58
C ASP A 221 4.56 -9.53 -2.95
N ARG A 222 3.95 -9.59 -1.75
CA ARG A 222 3.49 -8.39 -1.06
C ARG A 222 4.65 -7.48 -0.69
N HIS A 223 5.82 -8.06 -0.39
CA HIS A 223 6.98 -7.26 -0.03
C HIS A 223 7.70 -6.73 -1.27
N THR A 224 8.01 -5.43 -1.28
CA THR A 224 8.60 -4.83 -2.48
C THR A 224 10.04 -5.28 -2.66
N GLU A 225 10.77 -5.52 -1.58
CA GLU A 225 12.18 -5.88 -1.69
C GLU A 225 12.37 -7.21 -2.40
N VAL A 226 11.41 -8.12 -2.29
CA VAL A 226 11.50 -9.39 -3.03
C VAL A 226 11.53 -9.11 -4.53
N HIS A 227 10.68 -8.20 -4.99
CA HIS A 227 10.64 -7.85 -6.41
C HIS A 227 11.94 -7.21 -6.85
N ASN A 228 12.52 -6.35 -6.01
CA ASN A 228 13.80 -5.72 -6.34
C ASN A 228 14.93 -6.73 -6.40
N PHE A 229 14.97 -7.69 -5.47
CA PHE A 229 16.04 -8.69 -5.52
C PHE A 229 15.95 -9.50 -6.81
N ILE A 230 14.75 -9.99 -7.14
CA ILE A 230 14.60 -10.74 -8.39
C ILE A 230 14.99 -9.86 -9.57
N TYR A 231 14.44 -8.64 -9.62
CA TYR A 231 14.73 -7.74 -10.74
C TYR A 231 16.22 -7.45 -10.85
N GLN A 232 16.84 -7.06 -9.74
CA GLN A 232 18.25 -6.68 -9.79
C GLN A 232 19.17 -7.88 -10.02
N THR A 233 18.80 -9.06 -9.50
CA THR A 233 19.64 -10.24 -9.69
C THR A 233 19.65 -10.67 -11.15
N ARG A 234 18.47 -10.75 -11.77
CA ARG A 234 18.41 -11.11 -13.18
C ARG A 234 19.00 -10.01 -14.07
N SER A 235 18.87 -8.75 -13.65
CA SER A 235 19.50 -7.66 -14.40
C SER A 235 21.01 -7.81 -14.40
N TYR A 236 21.58 -8.20 -13.25
CA TYR A 236 23.02 -8.39 -13.12
C TYR A 236 23.50 -9.53 -14.01
N LEU A 237 22.75 -10.63 -14.06
CA LEU A 237 23.16 -11.78 -14.86
C LEU A 237 23.13 -11.47 -16.35
N GLU A 238 22.14 -10.69 -16.81
CA GLU A 238 22.08 -10.32 -18.21
C GLU A 238 23.28 -9.47 -18.64
N LEU A 239 23.92 -8.78 -17.70
CA LEU A 239 25.10 -7.99 -18.04
C LEU A 239 26.24 -8.86 -18.53
N TRP A 240 26.40 -10.05 -17.94
CA TRP A 240 27.48 -10.96 -18.30
C TRP A 240 27.00 -12.16 -19.10
N LEU A 241 25.70 -12.31 -19.29
CA LEU A 241 25.19 -13.51 -19.96
C LEU A 241 25.72 -13.65 -21.38
N PRO A 242 25.81 -12.61 -22.23
CA PRO A 242 26.44 -12.80 -23.54
C PRO A 242 27.90 -13.24 -23.46
N MET A 243 28.66 -12.72 -22.48
CA MET A 243 30.05 -13.10 -22.34
C MET A 243 30.20 -14.50 -21.76
N LEU A 244 29.25 -14.93 -20.92
CA LEU A 244 29.24 -16.28 -20.37
C LEU A 244 28.81 -17.31 -21.40
N GLU A 245 28.10 -16.89 -22.45
CA GLU A 245 27.62 -17.82 -23.46
C GLU A 245 28.73 -18.46 -24.29
N THR A 246 29.92 -17.89 -24.29
CA THR A 246 30.91 -18.35 -25.25
C THR A 246 31.72 -19.53 -24.74
N ASN A 247 32.68 -19.96 -25.57
CA ASN A 247 33.57 -21.07 -25.25
C ASN A 247 32.78 -22.37 -25.06
N ASN A 248 31.62 -22.48 -25.70
CA ASN A 248 30.83 -23.71 -25.66
C ASN A 248 30.49 -24.11 -24.22
N ARG A 249 30.21 -23.13 -23.38
CA ARG A 249 29.78 -23.43 -22.03
C ARG A 249 28.44 -24.16 -22.10
N SER A 250 28.36 -25.30 -21.43
CA SER A 250 27.15 -26.11 -21.46
C SER A 250 26.16 -25.76 -20.38
N TYR A 251 26.62 -25.27 -19.22
CA TYR A 251 25.70 -25.00 -18.12
C TYR A 251 26.09 -23.71 -17.41
N LEU A 252 25.08 -22.93 -17.02
CA LEU A 252 25.24 -21.81 -16.10
C LEU A 252 24.27 -22.06 -14.95
N THR A 253 24.81 -22.43 -13.79
CA THR A 253 24.03 -22.86 -12.64
C THR A 253 24.03 -21.73 -11.62
N VAL A 254 22.86 -21.19 -11.32
CA VAL A 254 22.70 -20.09 -10.38
C VAL A 254 21.97 -20.63 -9.16
N ALA A 255 22.61 -20.60 -8.00
CA ALA A 255 22.06 -21.18 -6.78
C ALA A 255 21.55 -20.05 -5.89
N ILE A 256 20.28 -20.14 -5.51
CA ILE A 256 19.65 -19.20 -4.59
C ILE A 256 19.51 -19.92 -3.27
N GLY A 257 20.08 -19.34 -2.21
CA GLY A 257 20.12 -20.02 -0.95
C GLY A 257 19.53 -19.27 0.22
N CYS A 258 18.56 -19.89 0.88
CA CYS A 258 18.08 -19.48 2.19
C CYS A 258 18.51 -20.55 3.20
N THR A 259 17.94 -20.50 4.41
CA THR A 259 18.38 -21.41 5.45
C THR A 259 17.83 -22.82 5.24
N GLY A 260 16.51 -22.95 5.05
CA GLY A 260 15.89 -24.25 4.92
C GLY A 260 15.79 -24.75 3.49
N GLY A 261 15.83 -23.83 2.53
CA GLY A 261 15.71 -24.22 1.14
C GLY A 261 14.31 -24.58 0.70
N LYS A 262 13.30 -24.16 1.44
CA LYS A 262 11.91 -24.49 1.12
C LYS A 262 11.02 -23.27 0.86
N HIS A 263 11.34 -22.09 1.40
CA HIS A 263 10.47 -20.93 1.27
C HIS A 263 11.02 -19.86 0.33
N ARG A 264 11.97 -19.03 0.81
CA ARG A 264 12.41 -17.90 0.00
C ARG A 264 13.19 -18.37 -1.22
N SER A 265 14.17 -19.25 -1.02
CA SER A 265 15.02 -19.68 -2.13
C SER A 265 14.20 -20.33 -3.24
N VAL A 266 13.20 -21.12 -2.88
CA VAL A 266 12.37 -21.80 -3.89
C VAL A 266 11.65 -20.76 -4.75
N TYR A 267 10.97 -19.81 -4.11
CA TYR A 267 10.16 -18.84 -4.85
C TYR A 267 11.04 -17.97 -5.74
N ILE A 268 12.18 -17.50 -5.22
CA ILE A 268 13.05 -16.63 -6.00
C ILE A 268 13.65 -17.38 -7.18
N ALA A 269 14.15 -18.60 -6.93
CA ALA A 269 14.73 -19.39 -8.01
C ALA A 269 13.69 -19.68 -9.08
N GLU A 270 12.49 -20.06 -8.66
CA GLU A 270 11.43 -20.31 -9.63
C GLU A 270 11.09 -19.05 -10.42
N GLN A 271 11.04 -17.90 -9.76
CA GLN A 271 10.71 -16.66 -10.46
C GLN A 271 11.83 -16.27 -11.42
N LEU A 272 13.08 -16.51 -11.03
CA LEU A 272 14.20 -16.20 -11.91
C LEU A 272 14.19 -17.09 -13.15
N ALA A 273 13.93 -18.39 -12.96
CA ALA A 273 13.83 -19.29 -14.10
C ALA A 273 12.70 -18.85 -15.03
N ASP A 274 11.52 -18.56 -14.47
CA ASP A 274 10.39 -18.12 -15.27
C ASP A 274 10.71 -16.86 -16.06
N TYR A 275 11.56 -15.97 -15.50
CA TYR A 275 11.89 -14.73 -16.19
C TYR A 275 12.70 -15.01 -17.46
N PHE A 276 13.82 -15.73 -17.33
CA PHE A 276 14.69 -15.98 -18.47
C PHE A 276 14.02 -16.87 -19.53
N ARG A 277 13.02 -17.65 -19.14
CA ARG A 277 12.20 -18.35 -20.12
C ARG A 277 11.55 -17.37 -21.08
N SER A 278 11.04 -16.25 -20.55
CA SER A 278 10.49 -15.20 -21.38
C SER A 278 11.56 -14.56 -22.27
N ARG A 279 12.82 -14.64 -21.86
CA ARG A 279 13.94 -14.08 -22.60
C ARG A 279 14.42 -15.00 -23.72
N GLY A 280 13.72 -16.10 -23.98
CA GLY A 280 14.10 -17.00 -25.05
C GLY A 280 15.26 -17.90 -24.73
N LYS A 281 15.52 -18.13 -23.45
CA LYS A 281 16.61 -19.01 -23.02
C LYS A 281 16.07 -20.39 -22.66
N ASN A 282 16.98 -21.37 -22.66
CA ASN A 282 16.67 -22.72 -22.21
C ASN A 282 17.08 -22.80 -20.75
N VAL A 283 16.12 -22.96 -19.85
CA VAL A 283 16.41 -22.93 -18.42
C VAL A 283 15.71 -24.10 -17.75
N GLN A 284 16.26 -24.49 -16.60
CA GLN A 284 15.68 -25.52 -15.76
C GLN A 284 15.73 -25.05 -14.31
N SER A 285 14.71 -25.42 -13.55
CA SER A 285 14.65 -25.12 -12.12
C SER A 285 14.66 -26.45 -11.36
N ARG A 286 15.35 -26.48 -10.23
CA ARG A 286 15.50 -27.69 -9.45
C ARG A 286 15.64 -27.31 -8.00
N HIS A 287 14.87 -27.92 -7.13
CA HIS A 287 14.85 -27.56 -5.71
C HIS A 287 15.41 -28.72 -4.89
N ARG A 288 16.69 -28.61 -4.52
CA ARG A 288 17.41 -29.72 -3.91
C ARG A 288 16.71 -30.20 -2.64
N THR A 289 16.14 -29.28 -1.85
CA THR A 289 15.53 -29.67 -0.58
C THR A 289 14.18 -30.35 -0.79
N LEU A 290 13.43 -29.94 -1.82
CA LEU A 290 12.11 -30.49 -2.06
C LEU A 290 12.14 -31.79 -2.86
N GLU A 291 13.24 -32.53 -2.82
CA GLU A 291 13.37 -33.79 -3.55
C GLU A 291 14.13 -34.84 -2.73
N MET B 15 15.83 -1.21 26.54
CA MET B 15 15.40 -1.01 25.16
C MET B 15 14.34 0.09 25.08
N ILE B 16 14.65 1.17 24.36
CA ILE B 16 13.71 2.27 24.17
C ILE B 16 12.95 2.02 22.87
N VAL B 17 11.63 1.93 22.96
CA VAL B 17 10.76 1.70 21.81
C VAL B 17 10.09 3.03 21.49
N SER B 18 10.22 3.47 20.24
CA SER B 18 9.65 4.74 19.82
C SER B 18 9.13 4.61 18.40
N GLY B 19 8.48 5.67 17.91
CA GLY B 19 7.88 5.64 16.60
C GLY B 19 6.58 6.40 16.54
N ARG B 20 6.11 6.69 15.33
CA ARG B 20 4.86 7.41 15.14
C ARG B 20 3.66 6.55 15.55
N SER B 21 2.55 7.22 15.85
CA SER B 21 1.35 6.51 16.28
C SER B 21 0.88 5.56 15.18
N GLY B 22 0.86 4.27 15.48
CA GLY B 22 0.50 3.26 14.50
C GLY B 22 1.66 2.47 13.93
N SER B 23 2.88 2.74 14.39
CA SER B 23 4.08 2.09 13.85
C SER B 23 4.36 0.74 14.46
N GLY B 24 3.54 0.27 15.40
CA GLY B 24 3.74 -1.05 15.99
C GLY B 24 4.55 -1.09 17.27
N LYS B 25 4.57 0.00 18.04
CA LYS B 25 5.23 -0.02 19.35
C LYS B 25 4.50 -0.93 20.33
N SER B 26 3.17 -0.99 20.25
CA SER B 26 2.40 -1.81 21.17
C SER B 26 2.71 -3.30 21.03
N VAL B 27 2.94 -3.77 19.81
CA VAL B 27 3.23 -5.19 19.61
C VAL B 27 4.65 -5.53 20.06
N ALA B 28 5.59 -4.61 19.84
CA ALA B 28 6.98 -4.83 20.27
C ALA B 28 7.04 -5.05 21.78
N LEU B 29 6.44 -4.15 22.55
CA LEU B 29 6.45 -4.31 24.01
C LEU B 29 5.81 -5.62 24.43
N ARG B 30 4.70 -6.01 23.81
CA ARG B 30 4.06 -7.27 24.17
C ARG B 30 5.00 -8.44 23.93
N ALA B 31 5.66 -8.47 22.77
CA ALA B 31 6.64 -9.50 22.50
C ALA B 31 7.83 -9.40 23.44
N LEU B 32 8.41 -8.20 23.56
CA LEU B 32 9.54 -8.00 24.47
C LEU B 32 9.17 -8.36 25.90
N GLU B 33 7.96 -8.03 26.33
CA GLU B 33 7.51 -8.45 27.66
C GLU B 33 7.38 -9.96 27.73
N ASP B 34 6.89 -10.57 26.64
CA ASP B 34 6.88 -12.04 26.56
C ASP B 34 8.29 -12.60 26.63
N MET B 35 9.26 -11.90 26.02
CA MET B 35 10.65 -12.34 26.06
C MET B 35 11.22 -12.33 27.49
N GLY B 36 10.60 -11.57 28.39
CA GLY B 36 11.03 -11.49 29.79
C GLY B 36 11.43 -10.11 30.24
N PHE B 37 11.33 -9.09 29.40
CA PHE B 37 11.70 -7.74 29.76
C PHE B 37 10.65 -7.12 30.68
N TYR B 38 11.11 -6.22 31.56
CA TYR B 38 10.18 -5.39 32.31
C TYR B 38 9.82 -4.20 31.43
N CYS B 39 8.59 -4.17 30.93
CA CYS B 39 8.17 -3.15 29.97
C CYS B 39 7.27 -2.14 30.67
N VAL B 40 7.62 -0.86 30.54
CA VAL B 40 6.86 0.23 31.14
C VAL B 40 6.51 1.22 30.03
N ASP B 41 5.22 1.50 29.87
CA ASP B 41 4.73 2.41 28.85
C ASP B 41 4.56 3.80 29.45
N ASN B 42 4.93 4.82 28.68
CA ASN B 42 4.71 6.22 29.00
C ASN B 42 5.48 6.71 30.24
N LEU B 43 6.61 6.08 30.57
CA LEU B 43 7.39 6.59 31.69
C LEU B 43 8.09 7.89 31.29
N PRO B 44 8.05 8.91 32.15
CA PRO B 44 8.76 10.16 31.84
C PRO B 44 10.27 9.94 31.76
N VAL B 45 10.89 10.61 30.79
CA VAL B 45 12.29 10.36 30.47
C VAL B 45 13.20 10.62 31.67
N VAL B 46 12.94 11.70 32.41
CA VAL B 46 13.79 12.05 33.55
C VAL B 46 13.82 10.90 34.56
N LEU B 47 12.72 10.17 34.72
CA LEU B 47 12.62 9.12 35.72
C LEU B 47 13.06 7.77 35.19
N LEU B 48 13.61 7.72 33.97
CA LEU B 48 14.16 6.48 33.43
C LEU B 48 15.35 5.97 34.25
N PRO B 49 16.35 6.79 34.61
CA PRO B 49 17.43 6.27 35.47
C PRO B 49 16.90 5.64 36.75
N ASP B 50 15.96 6.32 37.42
CA ASP B 50 15.40 5.82 38.67
C ASP B 50 14.87 4.41 38.52
N LEU B 51 14.20 4.13 37.40
CA LEU B 51 13.67 2.80 37.12
C LEU B 51 14.76 1.73 37.13
N ALA B 52 15.88 2.00 36.46
CA ALA B 52 16.95 1.02 36.34
C ALA B 52 17.43 0.52 37.71
N ARG B 53 17.70 1.45 38.63
CA ARG B 53 18.19 1.08 39.96
C ARG B 53 17.29 0.06 40.64
N THR B 54 15.98 0.19 40.48
CA THR B 54 15.04 -0.74 41.10
C THR B 54 15.19 -2.17 40.57
N LEU B 55 15.52 -2.30 39.28
CA LEU B 55 15.63 -3.61 38.65
C LEU B 55 17.01 -4.24 38.82
N ALA B 56 18.05 -3.42 39.06
CA ALA B 56 19.41 -3.93 39.17
C ALA B 56 19.49 -5.14 40.10
N ASP B 57 18.86 -5.05 41.28
CA ASP B 57 18.86 -6.19 42.19
C ASP B 57 18.18 -7.40 41.57
N ARG B 58 17.07 -7.17 40.87
CA ARG B 58 16.36 -8.28 40.22
C ARG B 58 17.13 -8.86 39.05
N GLU B 59 18.05 -8.10 38.47
CA GLU B 59 18.93 -8.56 37.38
C GLU B 59 18.15 -9.02 36.15
N ILE B 60 17.30 -8.14 35.61
CA ILE B 60 16.59 -8.39 34.37
C ILE B 60 16.60 -7.13 33.51
N SER B 61 16.44 -7.32 32.20
CA SER B 61 16.41 -6.20 31.27
C SER B 61 15.04 -5.54 31.30
N ALA B 62 14.95 -4.36 30.66
CA ALA B 62 13.75 -3.56 30.68
C ALA B 62 13.53 -2.91 29.33
N ALA B 63 12.27 -2.55 29.06
CA ALA B 63 11.88 -1.87 27.83
C ALA B 63 10.92 -0.75 28.20
N VAL B 64 11.07 0.39 27.53
CA VAL B 64 10.25 1.56 27.81
C VAL B 64 9.85 2.20 26.48
N SER B 65 8.70 2.86 26.47
CA SER B 65 8.15 3.49 25.28
C SER B 65 8.24 5.00 25.39
N ILE B 66 8.65 5.63 24.30
CA ILE B 66 8.71 7.09 24.19
C ILE B 66 8.01 7.47 22.88
N ASP B 67 6.86 8.11 23.00
CA ASP B 67 6.08 8.54 21.83
C ASP B 67 5.81 10.03 21.98
N VAL B 68 4.87 10.54 21.19
CA VAL B 68 4.51 11.96 21.25
C VAL B 68 4.10 12.38 22.67
N ARG B 69 3.52 11.46 23.44
CA ARG B 69 3.16 11.79 24.83
C ARG B 69 4.40 12.06 25.67
N ASN B 70 5.45 11.26 25.50
CA ASN B 70 6.64 11.31 26.35
C ASN B 70 7.74 12.22 25.83
N MET B 71 7.65 12.70 24.60
CA MET B 71 8.78 13.42 24.03
C MET B 71 8.93 14.78 24.71
N PRO B 72 10.09 15.08 25.29
CA PRO B 72 10.25 16.36 25.99
C PRO B 72 10.19 17.57 25.07
N GLU B 73 10.32 17.39 23.75
CA GLU B 73 10.45 18.49 22.79
C GLU B 73 11.64 19.38 23.12
N SER B 74 12.50 18.91 24.01
CA SER B 74 13.78 19.55 24.32
C SER B 74 14.79 18.43 24.46
N PRO B 75 15.71 18.28 23.51
CA PRO B 75 16.59 17.10 23.49
C PRO B 75 17.57 17.05 24.65
N GLU B 76 17.89 18.20 25.27
CA GLU B 76 18.83 18.20 26.39
C GLU B 76 18.38 17.23 27.47
N ILE B 77 17.10 17.25 27.82
CA ILE B 77 16.58 16.41 28.89
C ILE B 77 16.78 14.94 28.56
N PHE B 78 16.58 14.57 27.29
CA PHE B 78 16.84 13.19 26.89
C PHE B 78 18.30 12.86 27.11
N GLU B 79 19.20 13.68 26.57
CA GLU B 79 20.63 13.49 26.78
C GLU B 79 20.98 13.57 28.26
N GLN B 80 20.40 14.54 28.98
CA GLN B 80 20.63 14.66 30.41
C GLN B 80 20.33 13.36 31.13
N ALA B 81 19.17 12.77 30.86
CA ALA B 81 18.83 11.48 31.44
C ALA B 81 19.88 10.45 31.07
N MET B 82 20.28 10.43 29.80
CA MET B 82 21.34 9.52 29.34
C MET B 82 22.63 9.71 30.13
N SER B 83 22.99 10.97 30.43
CA SER B 83 24.23 11.22 31.16
C SER B 83 24.22 10.55 32.52
N ASN B 84 23.08 10.60 33.22
CA ASN B 84 22.93 9.87 34.47
C ASN B 84 22.44 8.46 34.23
N LEU B 85 23.07 7.71 33.31
CA LEU B 85 22.41 6.42 33.20
C LEU B 85 23.31 5.32 33.71
N PRO B 86 22.75 4.43 34.51
CA PRO B 86 23.58 3.42 35.18
C PRO B 86 24.08 2.36 34.21
N ASP B 87 25.28 1.86 34.50
CA ASP B 87 25.85 0.78 33.71
C ASP B 87 24.98 -0.45 33.86
N ALA B 88 24.13 -0.72 32.87
CA ALA B 88 23.25 -1.87 32.94
C ALA B 88 23.10 -2.46 31.55
N PHE B 89 22.45 -3.61 31.47
CA PHE B 89 22.22 -4.29 30.21
C PHE B 89 20.83 -3.90 29.73
N SER B 90 20.77 -3.14 28.60
CA SER B 90 19.61 -2.60 27.89
C SER B 90 19.80 -1.23 27.22
N PRO B 91 21.00 -0.57 27.22
CA PRO B 91 21.08 0.72 26.53
C PRO B 91 21.06 0.59 25.02
N GLN B 92 19.94 0.20 24.44
CA GLN B 92 19.82 0.18 22.99
C GLN B 92 18.45 0.72 22.60
N LEU B 93 18.40 1.37 21.44
CA LEU B 93 17.22 2.10 20.98
C LEU B 93 16.62 1.43 19.75
N LEU B 94 15.30 1.22 19.79
CA LEU B 94 14.55 0.65 18.68
C LEU B 94 13.57 1.70 18.17
N PHE B 95 13.39 1.75 16.85
CA PHE B 95 12.53 2.74 16.23
C PHE B 95 11.70 2.07 15.14
N LEU B 96 10.38 2.22 15.23
CA LEU B 96 9.46 1.69 14.24
C LEU B 96 8.80 2.85 13.51
N ASP B 97 8.55 2.68 12.22
CA ASP B 97 7.88 3.71 11.43
C ASP B 97 7.04 3.02 10.35
N ALA B 98 6.36 3.84 9.55
CA ALA B 98 5.55 3.38 8.43
C ALA B 98 5.25 4.58 7.54
N ASP B 99 4.95 4.29 6.27
CA ASP B 99 4.44 5.35 5.40
C ASP B 99 3.13 5.91 5.95
N ARG B 100 2.90 7.20 5.65
CA ARG B 100 1.82 7.96 6.28
C ARG B 100 0.46 7.30 6.05
N ASN B 101 0.14 6.97 4.80
CA ASN B 101 -1.17 6.43 4.47
C ASN B 101 -1.44 5.07 5.13
N THR B 102 -0.40 4.25 5.37
CA THR B 102 -0.63 2.98 6.06
C THR B 102 -1.00 3.22 7.52
N LEU B 103 -0.32 4.16 8.18
CA LEU B 103 -0.65 4.48 9.56
C LEU B 103 -2.10 4.95 9.67
N ILE B 104 -2.56 5.74 8.71
CA ILE B 104 -3.94 6.22 8.69
C ILE B 104 -4.91 5.04 8.63
N ARG B 105 -4.62 4.03 7.81
CA ARG B 105 -5.46 2.84 7.73
C ARG B 105 -5.47 2.08 9.05
N ARG B 106 -4.33 2.04 9.75
CA ARG B 106 -4.24 1.30 11.00
C ARG B 106 -5.00 1.99 12.13
N TYR B 107 -5.12 3.31 12.08
CA TYR B 107 -5.72 4.10 13.14
C TYR B 107 -7.24 3.88 13.18
N SER B 108 -7.72 3.20 14.21
CA SER B 108 -9.15 3.11 14.47
C SER B 108 -9.67 4.48 14.87
N ASP B 109 -10.60 5.02 14.08
CA ASP B 109 -10.99 6.43 14.16
C ASP B 109 -11.73 6.82 15.44
N THR B 110 -11.82 5.92 16.41
CA THR B 110 -12.64 6.10 17.60
C THR B 110 -11.83 6.59 18.80
N ARG B 111 -10.80 7.41 18.58
CA ARG B 111 -10.00 7.93 19.68
C ARG B 111 -9.23 9.14 19.17
N ARG B 112 -8.91 10.04 20.08
CA ARG B 112 -8.00 11.13 19.76
C ARG B 112 -6.60 10.56 19.51
N LEU B 113 -5.84 11.25 18.67
CA LEU B 113 -4.45 10.85 18.46
C LEU B 113 -3.52 11.50 19.47
N HIS B 114 -3.85 12.72 19.89
CA HIS B 114 -3.09 13.46 20.90
C HIS B 114 -4.02 13.88 22.02
N PRO B 115 -4.48 12.92 22.83
CA PRO B 115 -5.43 13.25 23.91
C PRO B 115 -4.89 14.24 24.91
N LEU B 116 -3.60 14.60 24.82
CA LEU B 116 -2.92 15.44 25.78
C LEU B 116 -2.22 16.64 25.13
N SER B 117 -2.50 16.91 23.85
CA SER B 117 -1.90 18.04 23.14
C SER B 117 -3.00 18.93 22.61
N SER B 118 -2.64 19.79 21.65
CA SER B 118 -3.59 20.68 20.99
C SER B 118 -4.51 19.89 20.07
N LYS B 119 -5.22 20.60 19.20
CA LYS B 119 -6.04 19.99 18.16
C LYS B 119 -5.28 20.01 16.84
N ASN B 120 -5.12 18.85 16.23
CA ASN B 120 -4.43 18.73 14.95
C ASN B 120 -5.36 19.15 13.82
N LEU B 121 -4.79 19.87 12.85
CA LEU B 121 -5.62 20.39 11.76
C LEU B 121 -6.07 19.28 10.82
N SER B 122 -5.23 18.27 10.60
CA SER B 122 -5.56 17.20 9.67
C SER B 122 -4.82 15.94 10.10
N LEU B 123 -5.33 14.79 9.65
CA LEU B 123 -4.71 13.54 10.03
C LEU B 123 -3.31 13.42 9.46
N GLU B 124 -3.07 13.94 8.24
CA GLU B 124 -1.71 13.94 7.74
C GLU B 124 -0.87 15.06 8.31
N SER B 125 -1.50 16.11 8.86
CA SER B 125 -0.75 17.13 9.59
C SER B 125 -0.29 16.60 10.94
N ALA B 126 -1.15 15.84 11.61
CA ALA B 126 -0.77 15.26 12.90
C ALA B 126 0.37 14.27 12.74
N ILE B 127 0.34 13.45 11.68
CA ILE B 127 1.40 12.46 11.47
C ILE B 127 2.73 13.15 11.14
N ASP B 128 2.70 14.18 10.28
CA ASP B 128 3.93 14.90 9.94
C ASP B 128 4.52 15.61 11.15
N LYS B 129 3.68 16.37 11.85
CA LYS B 129 4.14 17.05 13.07
C LYS B 129 4.66 16.04 14.08
N GLU B 130 4.02 14.88 14.17
CA GLU B 130 4.50 13.81 15.03
C GLU B 130 5.91 13.42 14.66
N SER B 131 6.17 13.18 13.38
CA SER B 131 7.52 12.85 12.93
C SER B 131 8.47 14.02 13.12
N ASP B 132 8.03 15.23 12.78
CA ASP B 132 8.88 16.42 12.89
C ASP B 132 9.43 16.60 14.30
N LEU B 133 8.55 16.53 15.31
CA LEU B 133 9.02 16.68 16.69
C LEU B 133 9.72 15.42 17.19
N LEU B 134 9.55 14.29 16.51
CA LEU B 134 10.16 13.03 16.89
C LEU B 134 11.39 12.73 16.05
N GLU B 135 11.91 13.74 15.35
CA GLU B 135 13.13 13.62 14.55
C GLU B 135 14.36 13.45 15.43
N PRO B 136 14.52 14.22 16.53
CA PRO B 136 15.71 14.04 17.38
C PRO B 136 16.00 12.59 17.76
N LEU B 137 15.00 11.87 18.25
CA LEU B 137 15.25 10.48 18.64
C LEU B 137 15.53 9.61 17.43
N ARG B 138 14.83 9.86 16.31
CA ARG B 138 15.09 9.12 15.08
C ARG B 138 16.47 9.43 14.52
N SER B 139 16.86 10.72 14.56
CA SER B 139 18.14 11.11 13.98
C SER B 139 19.30 10.40 14.67
N ARG B 140 19.19 10.21 15.98
CA ARG B 140 20.18 9.48 16.75
C ARG B 140 19.71 8.07 17.10
N ALA B 141 18.76 7.54 16.34
CA ALA B 141 18.22 6.22 16.58
C ALA B 141 19.19 5.15 16.11
N ASP B 142 19.18 4.01 16.80
CA ASP B 142 20.05 2.90 16.39
C ASP B 142 19.59 2.30 15.07
N LEU B 143 18.34 1.83 15.01
CA LEU B 143 17.81 1.21 13.80
C LEU B 143 16.37 1.63 13.61
N ILE B 144 15.97 1.70 12.35
CA ILE B 144 14.60 1.99 11.98
C ILE B 144 13.99 0.70 11.43
N VAL B 145 12.68 0.57 11.57
CA VAL B 145 11.96 -0.58 11.02
C VAL B 145 10.72 -0.03 10.31
N ASP B 146 10.66 -0.22 8.99
CA ASP B 146 9.53 0.21 8.18
C ASP B 146 8.51 -0.94 8.20
N THR B 147 7.54 -0.84 9.12
CA THR B 147 6.49 -1.83 9.27
C THR B 147 5.41 -1.75 8.18
N SER B 148 5.60 -0.88 7.18
CA SER B 148 4.57 -0.66 6.16
C SER B 148 4.03 -1.97 5.58
N GLU B 149 4.90 -2.96 5.38
CA GLU B 149 4.51 -4.25 4.83
C GLU B 149 4.40 -5.36 5.87
N MET B 150 4.87 -5.13 7.09
CA MET B 150 4.75 -6.14 8.12
C MET B 150 3.31 -6.24 8.61
N SER B 151 2.88 -7.46 8.92
CA SER B 151 1.52 -7.71 9.37
C SER B 151 1.46 -7.59 10.88
N VAL B 152 0.28 -7.85 11.44
CA VAL B 152 0.13 -7.92 12.90
C VAL B 152 1.09 -8.96 13.46
N HIS B 153 0.97 -10.21 13.00
CA HIS B 153 1.72 -11.34 13.53
C HIS B 153 3.17 -11.36 13.08
N GLU B 154 3.49 -10.72 11.94
CA GLU B 154 4.83 -10.81 11.39
C GLU B 154 5.85 -10.06 12.24
N LEU B 155 5.47 -8.90 12.78
CA LEU B 155 6.41 -8.14 13.61
C LEU B 155 6.73 -8.89 14.90
N ALA B 156 5.81 -9.72 15.39
CA ALA B 156 6.08 -10.52 16.57
C ALA B 156 7.31 -11.41 16.37
N GLU B 157 7.23 -12.33 15.39
CA GLU B 157 8.33 -13.26 15.18
C GLU B 157 9.59 -12.57 14.69
N MET B 158 9.46 -11.48 13.95
CA MET B 158 10.66 -10.74 13.53
C MET B 158 11.44 -10.26 14.74
N LEU B 159 10.75 -9.68 15.72
CA LEU B 159 11.41 -9.20 16.93
C LEU B 159 11.88 -10.35 17.80
N ARG B 160 11.06 -11.40 17.95
CA ARG B 160 11.48 -12.58 18.70
C ARG B 160 12.76 -13.18 18.10
N THR B 161 12.74 -13.43 16.79
CA THR B 161 13.91 -13.97 16.12
C THR B 161 15.10 -13.01 16.21
N ARG B 162 14.87 -11.72 15.95
CA ARG B 162 15.95 -10.73 16.02
C ARG B 162 16.43 -10.51 17.45
N LEU B 163 15.69 -10.99 18.45
CA LEU B 163 16.09 -10.85 19.84
C LEU B 163 17.13 -11.91 20.21
N ARG B 169 28.24 -7.61 17.78
CA ARG B 169 29.23 -6.75 17.12
C ARG B 169 28.91 -6.52 15.65
N GLU B 170 29.77 -5.80 14.95
CA GLU B 170 29.49 -5.40 13.58
C GLU B 170 29.78 -6.56 12.62
N LEU B 171 29.32 -6.37 11.38
CA LEU B 171 29.46 -7.41 10.37
C LEU B 171 30.84 -7.32 9.69
N THR B 172 31.46 -8.47 9.49
CA THR B 172 32.77 -8.59 8.85
C THR B 172 32.58 -9.12 7.43
N MET B 173 33.10 -8.39 6.45
CA MET B 173 32.99 -8.78 5.05
C MET B 173 34.25 -9.53 4.64
N VAL B 174 34.08 -10.79 4.25
CA VAL B 174 35.21 -11.62 3.83
C VAL B 174 35.16 -11.71 2.31
N PHE B 175 36.25 -11.33 1.67
CA PHE B 175 36.40 -11.40 0.21
C PHE B 175 37.47 -12.44 -0.05
N GLU B 176 37.07 -13.58 -0.59
CA GLU B 176 38.01 -14.66 -0.83
C GLU B 176 37.97 -15.08 -2.29
N SER B 177 39.16 -15.28 -2.85
CA SER B 177 39.33 -15.83 -4.17
C SER B 177 39.56 -17.32 -4.05
N PHE B 178 39.10 -18.06 -5.05
CA PHE B 178 39.26 -19.51 -5.04
C PHE B 178 39.20 -20.01 -6.47
N GLY B 179 39.64 -21.26 -6.64
CA GLY B 179 39.53 -21.94 -7.92
C GLY B 179 38.42 -22.97 -7.83
N PHE B 180 37.53 -22.94 -8.84
CA PHE B 180 36.38 -23.85 -8.83
C PHE B 180 36.81 -25.31 -8.87
N LYS B 181 37.97 -25.62 -9.45
CA LYS B 181 38.43 -27.00 -9.52
C LYS B 181 38.72 -27.59 -8.15
N HIS B 182 38.97 -26.74 -7.13
CA HIS B 182 39.13 -27.24 -5.77
C HIS B 182 37.82 -27.27 -5.01
N GLY B 183 36.80 -26.58 -5.49
CA GLY B 183 35.51 -26.50 -4.86
C GLY B 183 35.22 -25.11 -4.33
N ILE B 184 33.94 -24.86 -4.07
CA ILE B 184 33.51 -23.55 -3.58
C ILE B 184 33.68 -23.52 -2.07
N PRO B 185 34.21 -22.44 -1.50
CA PRO B 185 34.40 -22.39 -0.04
C PRO B 185 33.11 -22.70 0.72
N ILE B 186 33.25 -23.51 1.77
CA ILE B 186 32.10 -24.00 2.52
C ILE B 186 31.35 -22.85 3.18
N ASP B 187 32.07 -21.84 3.66
CA ASP B 187 31.50 -20.73 4.42
C ASP B 187 30.97 -19.60 3.54
N ALA B 188 31.02 -19.74 2.23
CA ALA B 188 30.67 -18.65 1.33
C ALA B 188 29.17 -18.35 1.39
N ASP B 189 28.84 -17.07 1.36
CA ASP B 189 27.47 -16.59 1.27
C ASP B 189 27.09 -16.18 -0.15
N TYR B 190 27.97 -15.43 -0.81
CA TYR B 190 27.83 -15.11 -2.22
C TYR B 190 29.01 -15.72 -2.98
N VAL B 191 28.74 -16.23 -4.18
CA VAL B 191 29.77 -16.79 -5.05
C VAL B 191 29.62 -16.14 -6.41
N PHE B 192 30.73 -15.63 -6.94
CA PHE B 192 30.72 -14.98 -8.25
C PHE B 192 31.69 -15.71 -9.16
N ASP B 193 31.20 -16.16 -10.30
CA ASP B 193 32.01 -16.83 -11.29
C ASP B 193 32.59 -15.76 -12.21
N VAL B 194 33.91 -15.76 -12.34
CA VAL B 194 34.61 -14.77 -13.16
C VAL B 194 35.37 -15.45 -14.30
N ARG B 195 35.02 -16.71 -14.60
CA ARG B 195 35.71 -17.48 -15.62
C ARG B 195 35.36 -17.02 -17.03
N PHE B 196 34.41 -16.08 -17.16
CA PHE B 196 34.06 -15.46 -18.43
C PHE B 196 34.89 -14.23 -18.73
N LEU B 197 35.68 -13.77 -17.77
CA LEU B 197 36.43 -12.54 -17.96
C LEU B 197 37.66 -12.81 -18.83
N PRO B 198 38.25 -11.75 -19.38
CA PRO B 198 39.52 -11.90 -20.11
C PRO B 198 40.52 -12.74 -19.31
N ASN B 199 41.24 -13.61 -20.02
CA ASN B 199 42.16 -14.55 -19.39
C ASN B 199 43.58 -14.05 -19.49
N PRO B 200 44.34 -14.02 -18.39
CA PRO B 200 45.76 -13.69 -18.49
C PRO B 200 46.66 -14.83 -18.95
N HIS B 201 46.14 -16.05 -19.09
CA HIS B 201 46.94 -17.12 -19.69
C HIS B 201 47.27 -16.85 -21.15
N TRP B 202 46.58 -15.89 -21.78
CA TRP B 202 46.95 -15.40 -23.11
C TRP B 202 48.19 -14.49 -23.09
N ASP B 203 49.13 -14.73 -22.17
CA ASP B 203 50.38 -14.00 -22.06
C ASP B 203 51.30 -14.82 -21.16
N PRO B 204 51.81 -15.96 -21.63
CA PRO B 204 52.53 -16.90 -20.74
C PRO B 204 53.72 -16.28 -19.99
N LYS B 205 54.00 -14.99 -20.17
CA LYS B 205 54.81 -14.27 -19.19
C LYS B 205 54.13 -14.26 -17.83
N LEU B 206 52.81 -14.12 -17.81
CA LEU B 206 52.02 -14.01 -16.59
C LEU B 206 51.58 -15.34 -16.01
N ARG B 207 51.76 -16.44 -16.73
CA ARG B 207 51.31 -17.74 -16.23
C ARG B 207 51.82 -18.07 -14.83
N PRO B 208 53.08 -17.79 -14.45
CA PRO B 208 53.49 -18.01 -13.06
C PRO B 208 53.19 -16.86 -12.11
N MET B 209 52.77 -15.70 -12.61
CA MET B 209 52.49 -14.56 -11.74
C MET B 209 51.10 -14.66 -11.13
N THR B 210 50.87 -13.91 -10.06
CA THR B 210 49.59 -13.87 -9.36
C THR B 210 48.92 -12.51 -9.52
N GLY B 211 47.62 -12.47 -9.20
CA GLY B 211 46.83 -11.25 -9.30
C GLY B 211 47.30 -10.13 -8.41
N LEU B 212 48.06 -10.45 -7.36
CA LEU B 212 48.61 -9.43 -6.48
C LEU B 212 49.76 -8.68 -7.13
N ASP B 213 50.43 -9.30 -8.09
CA ASP B 213 51.57 -8.68 -8.74
C ASP B 213 51.10 -7.60 -9.70
N LYS B 214 51.75 -6.44 -9.64
CA LYS B 214 51.30 -5.29 -10.43
C LYS B 214 51.15 -5.55 -11.92
N PRO B 215 52.01 -6.35 -12.59
CA PRO B 215 51.75 -6.64 -14.01
C PRO B 215 50.37 -7.23 -14.30
N VAL B 216 49.94 -8.23 -13.53
CA VAL B 216 48.61 -8.80 -13.74
C VAL B 216 47.53 -7.76 -13.47
N ALA B 217 47.75 -6.89 -12.47
CA ALA B 217 46.80 -5.81 -12.18
C ALA B 217 46.63 -4.91 -13.40
N ALA B 218 47.74 -4.38 -13.91
CA ALA B 218 47.67 -3.46 -15.05
C ALA B 218 47.07 -4.14 -16.27
N PHE B 219 47.37 -5.43 -16.47
CA PHE B 219 46.78 -6.18 -17.58
C PHE B 219 45.26 -6.18 -17.48
N LEU B 220 44.73 -6.60 -16.33
CA LEU B 220 43.28 -6.64 -16.16
C LEU B 220 42.69 -5.24 -16.08
N ASP B 221 43.43 -4.30 -15.47
CA ASP B 221 42.96 -2.92 -15.39
C ASP B 221 42.82 -2.28 -16.76
N ARG B 222 43.69 -2.65 -17.71
CA ARG B 222 43.60 -2.09 -19.05
C ARG B 222 42.30 -2.47 -19.73
N HIS B 223 41.75 -3.64 -19.39
CA HIS B 223 40.47 -4.06 -19.94
C HIS B 223 39.34 -3.39 -19.16
N THR B 224 38.39 -2.79 -19.89
CA THR B 224 37.32 -2.04 -19.24
C THR B 224 36.29 -2.95 -18.59
N GLU B 225 36.05 -4.12 -19.18
CA GLU B 225 35.01 -5.00 -18.67
C GLU B 225 35.29 -5.49 -17.25
N VAL B 226 36.57 -5.61 -16.88
CA VAL B 226 36.93 -5.98 -15.51
C VAL B 226 36.50 -4.91 -14.53
N HIS B 227 36.79 -3.64 -14.84
CA HIS B 227 36.38 -2.56 -13.94
C HIS B 227 34.87 -2.44 -13.90
N ASN B 228 34.19 -2.64 -15.04
CA ASN B 228 32.74 -2.65 -15.02
C ASN B 228 32.21 -3.79 -14.17
N PHE B 229 32.86 -4.95 -14.24
CA PHE B 229 32.44 -6.08 -13.41
C PHE B 229 32.54 -5.74 -11.94
N ILE B 230 33.70 -5.22 -11.52
CA ILE B 230 33.89 -4.81 -10.13
C ILE B 230 32.86 -3.76 -9.74
N TYR B 231 32.68 -2.74 -10.59
CA TYR B 231 31.69 -1.70 -10.32
C TYR B 231 30.31 -2.30 -10.16
N GLN B 232 29.90 -3.16 -11.09
CA GLN B 232 28.55 -3.72 -11.02
C GLN B 232 28.42 -4.70 -9.86
N THR B 233 29.49 -5.42 -9.54
CA THR B 233 29.43 -6.38 -8.44
C THR B 233 29.31 -5.66 -7.09
N ARG B 234 30.14 -4.63 -6.88
CA ARG B 234 30.01 -3.88 -5.62
C ARG B 234 28.69 -3.14 -5.55
N SER B 235 28.17 -2.69 -6.70
CA SER B 235 26.86 -2.06 -6.72
C SER B 235 25.77 -3.03 -6.33
N TYR B 236 25.85 -4.27 -6.82
CA TYR B 236 24.86 -5.28 -6.48
C TYR B 236 24.91 -5.60 -4.99
N LEU B 237 26.12 -5.73 -4.44
CA LEU B 237 26.26 -6.06 -3.02
C LEU B 237 25.76 -4.91 -2.15
N GLU B 238 26.02 -3.67 -2.54
CA GLU B 238 25.56 -2.53 -1.77
C GLU B 238 24.05 -2.44 -1.68
N LEU B 239 23.31 -3.03 -2.62
CA LEU B 239 21.86 -2.97 -2.56
C LEU B 239 21.31 -3.70 -1.34
N TRP B 240 21.94 -4.79 -0.95
CA TRP B 240 21.46 -5.60 0.17
C TRP B 240 22.31 -5.44 1.42
N LEU B 241 23.43 -4.72 1.31
CA LEU B 241 24.33 -4.62 2.44
C LEU B 241 23.69 -3.93 3.65
N PRO B 242 22.92 -2.84 3.51
CA PRO B 242 22.24 -2.31 4.71
C PRO B 242 21.31 -3.32 5.35
N MET B 243 20.60 -4.12 4.54
CA MET B 243 19.70 -5.14 5.08
C MET B 243 20.48 -6.31 5.67
N LEU B 244 21.66 -6.61 5.11
CA LEU B 244 22.48 -7.67 5.70
C LEU B 244 23.19 -7.18 6.96
N GLU B 245 23.44 -5.88 7.08
CA GLU B 245 24.08 -5.34 8.27
C GLU B 245 23.15 -5.37 9.48
N THR B 246 21.84 -5.43 9.26
CA THR B 246 20.88 -5.40 10.37
C THR B 246 20.64 -6.79 10.95
N ASN B 247 21.01 -7.84 10.24
CA ASN B 247 20.90 -9.20 10.75
C ASN B 247 21.96 -9.44 11.83
N ASN B 248 21.80 -10.53 12.57
CA ASN B 248 22.85 -10.92 13.51
C ASN B 248 23.95 -11.71 12.82
N ARG B 249 24.23 -11.36 11.57
CA ARG B 249 25.32 -11.99 10.84
C ARG B 249 26.66 -11.59 11.44
N SER B 250 27.51 -12.58 11.69
CA SER B 250 28.84 -12.30 12.18
C SER B 250 29.82 -12.12 11.02
N TYR B 251 29.53 -12.76 9.90
CA TYR B 251 30.36 -12.75 8.70
C TYR B 251 29.47 -12.67 7.48
N LEU B 252 29.91 -11.94 6.48
CA LEU B 252 29.34 -11.98 5.14
C LEU B 252 30.48 -12.37 4.22
N THR B 253 30.42 -13.57 3.66
CA THR B 253 31.52 -14.13 2.90
C THR B 253 31.19 -14.01 1.42
N VAL B 254 32.00 -13.23 0.70
CA VAL B 254 31.83 -13.00 -0.72
C VAL B 254 33.01 -13.67 -1.42
N ALA B 255 32.72 -14.70 -2.21
CA ALA B 255 33.73 -15.52 -2.85
C ALA B 255 33.80 -15.21 -4.33
N ILE B 256 34.99 -14.91 -4.82
CA ILE B 256 35.24 -14.66 -6.24
C ILE B 256 35.97 -15.88 -6.78
N GLY B 257 35.40 -16.51 -7.80
CA GLY B 257 35.96 -17.75 -8.28
C GLY B 257 36.31 -17.79 -9.75
N CYS B 258 37.56 -18.12 -10.05
CA CYS B 258 37.99 -18.48 -11.38
C CYS B 258 38.37 -19.96 -11.40
N THR B 259 39.02 -20.41 -12.48
CA THR B 259 39.34 -21.84 -12.59
C THR B 259 40.54 -22.22 -11.72
N GLY B 260 41.64 -21.48 -11.84
CA GLY B 260 42.85 -21.83 -11.10
C GLY B 260 42.96 -21.18 -9.74
N GLY B 261 42.25 -20.08 -9.52
CA GLY B 261 42.32 -19.39 -8.25
C GLY B 261 43.59 -18.62 -8.02
N LYS B 262 44.33 -18.28 -9.08
CA LYS B 262 45.58 -17.57 -8.97
C LYS B 262 45.60 -16.24 -9.71
N HIS B 263 44.81 -16.08 -10.76
CA HIS B 263 44.90 -14.89 -11.60
C HIS B 263 43.70 -13.96 -11.45
N ARG B 264 42.58 -14.28 -12.10
CA ARG B 264 41.45 -13.36 -12.15
C ARG B 264 40.79 -13.21 -10.77
N SER B 265 40.45 -14.33 -10.13
CA SER B 265 39.71 -14.27 -8.87
C SER B 265 40.48 -13.52 -7.80
N VAL B 266 41.80 -13.72 -7.73
CA VAL B 266 42.61 -13.05 -6.72
C VAL B 266 42.53 -11.54 -6.89
N TYR B 267 42.67 -11.07 -8.14
CA TYR B 267 42.72 -9.63 -8.39
C TYR B 267 41.42 -8.95 -8.00
N ILE B 268 40.27 -9.56 -8.33
CA ILE B 268 38.97 -8.95 -8.06
C ILE B 268 38.72 -8.82 -6.56
N ALA B 269 39.03 -9.86 -5.80
CA ALA B 269 38.84 -9.79 -4.35
C ALA B 269 39.64 -8.65 -3.76
N GLU B 270 40.87 -8.45 -4.26
CA GLU B 270 41.69 -7.34 -3.81
C GLU B 270 40.99 -6.01 -4.05
N GLN B 271 40.39 -5.84 -5.24
CA GLN B 271 39.71 -4.59 -5.57
C GLN B 271 38.41 -4.42 -4.79
N LEU B 272 37.64 -5.49 -4.61
CA LEU B 272 36.39 -5.40 -3.87
C LEU B 272 36.65 -5.09 -2.40
N ALA B 273 37.63 -5.75 -1.79
CA ALA B 273 38.00 -5.45 -0.42
C ALA B 273 38.44 -3.99 -0.28
N ASP B 274 39.36 -3.56 -1.16
CA ASP B 274 39.87 -2.20 -1.10
C ASP B 274 38.76 -1.17 -1.21
N TYR B 275 37.73 -1.46 -2.03
CA TYR B 275 36.62 -0.54 -2.16
C TYR B 275 35.80 -0.46 -0.88
N PHE B 276 35.34 -1.61 -0.37
CA PHE B 276 34.50 -1.61 0.82
C PHE B 276 35.29 -1.16 2.05
N ARG B 277 36.60 -1.42 2.08
CA ARG B 277 37.44 -0.85 3.13
C ARG B 277 37.44 0.68 3.05
N SER B 278 37.47 1.22 1.83
CA SER B 278 37.40 2.68 1.65
C SER B 278 36.08 3.25 2.14
N ARG B 279 35.01 2.47 2.11
CA ARG B 279 33.70 2.91 2.59
C ARG B 279 33.56 2.82 4.10
N GLY B 280 34.64 2.51 4.81
CA GLY B 280 34.56 2.42 6.25
C GLY B 280 33.97 1.12 6.73
N LYS B 281 34.05 0.06 5.93
CA LYS B 281 33.50 -1.23 6.28
C LYS B 281 34.56 -2.12 6.92
N ASN B 282 34.09 -3.15 7.61
CA ASN B 282 34.95 -4.13 8.23
C ASN B 282 35.17 -5.26 7.22
N VAL B 283 36.41 -5.42 6.77
CA VAL B 283 36.70 -6.33 5.67
C VAL B 283 37.87 -7.23 6.06
N GLN B 284 37.90 -8.40 5.45
CA GLN B 284 39.00 -9.34 5.53
C GLN B 284 39.18 -9.94 4.16
N SER B 285 40.43 -10.18 3.77
CA SER B 285 40.73 -10.79 2.48
C SER B 285 41.43 -12.12 2.73
N ARG B 286 41.11 -13.11 1.90
CA ARG B 286 41.70 -14.43 2.05
C ARG B 286 41.74 -15.09 0.68
N HIS B 287 42.89 -15.61 0.29
CA HIS B 287 43.02 -16.25 -1.01
C HIS B 287 43.26 -17.74 -0.71
N ARG B 288 42.18 -18.51 -0.76
CA ARG B 288 42.22 -19.90 -0.29
C ARG B 288 43.30 -20.72 -0.99
N THR B 289 43.49 -20.49 -2.29
CA THR B 289 44.47 -21.28 -3.03
C THR B 289 45.89 -20.83 -2.73
N LEU B 290 46.10 -19.52 -2.51
CA LEU B 290 47.44 -18.98 -2.28
C LEU B 290 47.90 -19.10 -0.83
N GLU B 291 47.40 -20.09 -0.09
CA GLU B 291 47.80 -20.25 1.31
C GLU B 291 48.01 -21.73 1.66
N GLU C 8 -30.08 17.31 -33.24
CA GLU C 8 -29.34 17.62 -34.46
C GLU C 8 -28.27 16.56 -34.76
N LYS C 9 -27.01 16.99 -34.73
CA LYS C 9 -25.90 16.11 -35.08
C LYS C 9 -25.76 14.97 -34.09
N ALA C 10 -25.18 13.87 -34.54
CA ALA C 10 -24.85 12.73 -33.69
C ALA C 10 -23.34 12.66 -33.50
N SER C 11 -22.92 12.13 -32.36
CA SER C 11 -21.49 12.07 -32.03
C SER C 11 -21.23 10.89 -31.11
N MET C 12 -20.06 10.28 -31.28
CA MET C 12 -19.61 9.17 -30.44
C MET C 12 -18.26 9.52 -29.82
N VAL C 13 -17.71 8.58 -29.05
CA VAL C 13 -16.60 8.88 -28.15
C VAL C 13 -15.42 7.96 -28.44
N LEU C 14 -14.24 8.42 -28.04
CA LEU C 14 -12.99 7.67 -28.15
C LEU C 14 -12.28 7.79 -26.81
N MET C 15 -12.47 6.79 -25.95
CA MET C 15 -11.88 6.79 -24.62
C MET C 15 -10.43 6.35 -24.73
N ILE C 16 -9.51 7.22 -24.35
CA ILE C 16 -8.08 6.92 -24.34
C ILE C 16 -7.71 6.48 -22.93
N VAL C 17 -7.19 5.26 -22.79
CA VAL C 17 -6.81 4.69 -21.51
C VAL C 17 -5.28 4.71 -21.43
N SER C 18 -4.75 5.28 -20.35
CA SER C 18 -3.31 5.38 -20.16
C SER C 18 -2.99 5.20 -18.69
N GLY C 19 -1.69 5.12 -18.39
CA GLY C 19 -1.22 4.90 -17.04
C GLY C 19 0.01 4.02 -16.99
N ARG C 20 0.69 4.02 -15.85
CA ARG C 20 1.93 3.27 -15.67
C ARG C 20 1.65 1.76 -15.60
N SER C 21 2.70 0.98 -15.87
CA SER C 21 2.59 -0.47 -15.86
C SER C 21 2.19 -0.97 -14.49
N GLY C 22 1.03 -1.59 -14.39
CA GLY C 22 0.49 -2.06 -13.13
C GLY C 22 -0.63 -1.22 -12.56
N SER C 23 -1.06 -0.16 -13.25
CA SER C 23 -2.09 0.74 -12.77
C SER C 23 -3.51 0.26 -13.08
N GLY C 24 -3.66 -0.85 -13.79
CA GLY C 24 -4.97 -1.42 -14.04
C GLY C 24 -5.68 -0.93 -15.30
N LYS C 25 -4.95 -0.42 -16.29
CA LYS C 25 -5.57 -0.04 -17.56
C LYS C 25 -6.12 -1.24 -18.30
N SER C 26 -5.48 -2.41 -18.16
CA SER C 26 -6.00 -3.61 -18.81
C SER C 26 -7.39 -3.95 -18.31
N VAL C 27 -7.67 -3.66 -17.03
CA VAL C 27 -8.99 -3.93 -16.48
C VAL C 27 -10.00 -2.94 -17.05
N ALA C 28 -9.59 -1.69 -17.22
CA ALA C 28 -10.47 -0.69 -17.84
C ALA C 28 -10.90 -1.14 -19.23
N LEU C 29 -9.93 -1.56 -20.06
CA LEU C 29 -10.28 -2.02 -21.40
C LEU C 29 -11.26 -3.19 -21.34
N ARG C 30 -11.06 -4.13 -20.42
CA ARG C 30 -12.02 -5.22 -20.29
C ARG C 30 -13.40 -4.68 -19.90
N ALA C 31 -13.43 -3.75 -18.94
CA ALA C 31 -14.69 -3.13 -18.55
C ALA C 31 -15.30 -2.35 -19.71
N LEU C 32 -14.52 -1.47 -20.33
CA LEU C 32 -15.00 -0.71 -21.48
C LEU C 32 -15.46 -1.63 -22.61
N GLU C 33 -14.77 -2.76 -22.82
CA GLU C 33 -15.21 -3.73 -23.81
C GLU C 33 -16.57 -4.31 -23.45
N ASP C 34 -16.78 -4.58 -22.16
CA ASP C 34 -18.07 -5.11 -21.71
C ASP C 34 -19.20 -4.13 -22.02
N MET C 35 -18.97 -2.83 -21.81
CA MET C 35 -19.99 -1.83 -22.12
C MET C 35 -20.30 -1.76 -23.61
N GLY C 36 -19.41 -2.25 -24.47
CA GLY C 36 -19.63 -2.24 -25.90
C GLY C 36 -18.59 -1.49 -26.70
N PHE C 37 -17.54 -0.96 -26.08
CA PHE C 37 -16.55 -0.19 -26.82
C PHE C 37 -15.71 -1.11 -27.70
N TYR C 38 -15.29 -0.58 -28.84
CA TYR C 38 -14.30 -1.26 -29.67
C TYR C 38 -12.94 -0.94 -29.09
N CYS C 39 -12.30 -1.93 -28.48
CA CYS C 39 -11.07 -1.71 -27.74
C CYS C 39 -9.89 -2.24 -28.54
N VAL C 40 -8.88 -1.39 -28.72
CA VAL C 40 -7.68 -1.75 -29.46
C VAL C 40 -6.48 -1.46 -28.56
N ASP C 41 -5.66 -2.47 -28.31
CA ASP C 41 -4.50 -2.33 -27.43
C ASP C 41 -3.25 -2.08 -28.25
N ASN C 42 -2.42 -1.15 -27.76
CA ASN C 42 -1.07 -0.87 -28.29
C ASN C 42 -1.13 -0.33 -29.72
N LEU C 43 -2.21 0.34 -30.10
CA LEU C 43 -2.29 0.92 -31.43
C LEU C 43 -1.32 2.10 -31.55
N PRO C 44 -0.59 2.20 -32.65
CA PRO C 44 0.29 3.37 -32.85
C PRO C 44 -0.54 4.64 -32.98
N VAL C 45 -0.04 5.72 -32.35
CA VAL C 45 -0.80 6.97 -32.29
C VAL C 45 -1.12 7.48 -33.69
N VAL C 46 -0.18 7.32 -34.64
CA VAL C 46 -0.35 7.86 -35.99
C VAL C 46 -1.63 7.36 -36.63
N LEU C 47 -2.01 6.12 -36.35
CA LEU C 47 -3.18 5.50 -36.98
C LEU C 47 -4.46 5.70 -36.17
N LEU C 48 -4.43 6.57 -35.16
CA LEU C 48 -5.64 6.82 -34.37
C LEU C 48 -6.77 7.42 -35.20
N PRO C 49 -6.56 8.47 -36.01
CA PRO C 49 -7.67 8.92 -36.89
C PRO C 49 -8.12 7.83 -37.84
N ASP C 50 -7.18 7.15 -38.49
CA ASP C 50 -7.50 6.11 -39.45
C ASP C 50 -8.42 5.05 -38.85
N LEU C 51 -8.13 4.62 -37.61
CA LEU C 51 -9.00 3.69 -36.92
C LEU C 51 -10.41 4.24 -36.78
N ALA C 52 -10.52 5.49 -36.33
CA ALA C 52 -11.81 6.12 -36.12
C ALA C 52 -12.66 6.10 -37.39
N ARG C 53 -12.08 6.52 -38.52
CA ARG C 53 -12.80 6.58 -39.79
C ARG C 53 -13.47 5.25 -40.12
N THR C 54 -12.79 4.13 -39.84
CA THR C 54 -13.36 2.82 -40.12
C THR C 54 -14.60 2.55 -39.27
N LEU C 55 -14.62 3.04 -38.03
CA LEU C 55 -15.71 2.78 -37.11
C LEU C 55 -16.85 3.79 -37.22
N ALA C 56 -16.58 4.99 -37.74
CA ALA C 56 -17.62 6.01 -37.86
C ALA C 56 -18.90 5.46 -38.49
N ASP C 57 -18.75 4.72 -39.58
CA ASP C 57 -19.90 4.15 -40.27
C ASP C 57 -20.69 3.21 -39.36
N ARG C 58 -19.99 2.38 -38.60
CA ARG C 58 -20.66 1.44 -37.70
C ARG C 58 -21.34 2.15 -36.55
N GLU C 59 -20.93 3.38 -36.24
CA GLU C 59 -21.54 4.20 -35.20
C GLU C 59 -21.50 3.49 -33.84
N ILE C 60 -20.27 3.17 -33.43
CA ILE C 60 -20.01 2.56 -32.14
C ILE C 60 -18.83 3.31 -31.50
N SER C 61 -18.77 3.24 -30.18
CA SER C 61 -17.70 3.93 -29.48
C SER C 61 -16.41 3.11 -29.60
N ALA C 62 -15.30 3.73 -29.20
CA ALA C 62 -14.01 3.07 -29.34
C ALA C 62 -13.16 3.37 -28.12
N ALA C 63 -12.25 2.46 -27.83
CA ALA C 63 -11.31 2.63 -26.72
C ALA C 63 -9.93 2.15 -27.18
N VAL C 64 -8.90 2.89 -26.80
CA VAL C 64 -7.54 2.57 -27.19
C VAL C 64 -6.64 2.82 -26.00
N SER C 65 -5.52 2.08 -25.94
CA SER C 65 -4.57 2.18 -24.85
C SER C 65 -3.31 2.87 -25.34
N ILE C 66 -2.77 3.78 -24.53
CA ILE C 66 -1.52 4.47 -24.82
C ILE C 66 -0.66 4.32 -23.56
N ASP C 67 0.38 3.51 -23.65
CA ASP C 67 1.28 3.26 -22.53
C ASP C 67 2.71 3.55 -23.01
N VAL C 68 3.70 3.09 -22.25
CA VAL C 68 5.10 3.31 -22.58
C VAL C 68 5.43 2.84 -23.99
N ARG C 69 4.76 1.79 -24.47
CA ARG C 69 4.97 1.29 -25.83
C ARG C 69 4.53 2.30 -26.90
N ASN C 70 3.41 2.99 -26.67
CA ASN C 70 2.80 3.86 -27.68
C ASN C 70 3.29 5.30 -27.66
N MET C 71 3.68 5.84 -26.51
CA MET C 71 4.00 7.27 -26.43
C MET C 71 5.13 7.61 -27.38
N PRO C 72 5.01 8.68 -28.17
CA PRO C 72 5.96 8.89 -29.28
C PRO C 72 7.27 9.55 -28.89
N GLU C 73 7.57 9.65 -27.59
CA GLU C 73 8.71 10.42 -27.07
C GLU C 73 8.60 11.89 -27.43
N SER C 74 8.26 12.19 -28.68
CA SER C 74 7.92 13.55 -29.10
C SER C 74 6.43 13.79 -28.89
N PRO C 75 6.05 14.60 -27.89
CA PRO C 75 4.62 14.74 -27.56
C PRO C 75 3.83 15.45 -28.64
N GLU C 76 4.49 16.24 -29.49
CA GLU C 76 3.83 16.95 -30.58
C GLU C 76 2.97 16.02 -31.43
N ILE C 77 3.50 14.82 -31.74
CA ILE C 77 2.83 13.90 -32.66
C ILE C 77 1.44 13.52 -32.15
N PHE C 78 1.27 13.40 -30.83
CA PHE C 78 -0.03 13.07 -30.27
C PHE C 78 -1.06 14.12 -30.64
N GLU C 79 -0.74 15.40 -30.43
CA GLU C 79 -1.66 16.48 -30.75
C GLU C 79 -2.05 16.46 -32.22
N GLN C 80 -1.10 16.19 -33.11
CA GLN C 80 -1.40 16.10 -34.54
C GLN C 80 -2.57 15.15 -34.81
N ALA C 81 -2.49 13.94 -34.26
CA ALA C 81 -3.57 12.97 -34.42
C ALA C 81 -4.87 13.52 -33.83
N MET C 82 -4.80 14.07 -32.63
CA MET C 82 -5.99 14.62 -31.98
C MET C 82 -6.60 15.76 -32.79
N SER C 83 -5.78 16.71 -33.24
CA SER C 83 -6.32 17.84 -34.00
C SER C 83 -6.89 17.39 -35.34
N ASN C 84 -6.18 16.52 -36.07
CA ASN C 84 -6.68 16.00 -37.33
C ASN C 84 -7.52 14.74 -37.14
N LEU C 85 -8.44 14.79 -36.20
CA LEU C 85 -9.23 13.61 -35.89
C LEU C 85 -10.64 13.82 -36.41
N PRO C 86 -11.27 12.79 -36.97
CA PRO C 86 -12.55 13.00 -37.62
C PRO C 86 -13.61 13.40 -36.61
N ASP C 87 -14.56 14.20 -37.08
CA ASP C 87 -15.66 14.69 -36.26
C ASP C 87 -16.50 13.52 -35.77
N ALA C 88 -17.66 13.81 -35.18
CA ALA C 88 -18.53 12.77 -34.62
C ALA C 88 -17.85 12.06 -33.45
N PHE C 89 -16.53 11.89 -33.49
CA PHE C 89 -15.81 11.24 -32.40
C PHE C 89 -15.26 12.30 -31.46
N SER C 90 -15.75 12.30 -30.22
CA SER C 90 -15.30 13.24 -29.20
C SER C 90 -14.27 12.55 -28.33
N PRO C 91 -13.05 13.07 -28.25
CA PRO C 91 -12.01 12.42 -27.46
C PRO C 91 -12.19 12.63 -25.97
N GLN C 92 -12.08 11.53 -25.21
CA GLN C 92 -12.09 11.61 -23.76
C GLN C 92 -10.93 10.77 -23.24
N LEU C 93 -10.23 11.29 -22.23
CA LEU C 93 -9.02 10.66 -21.74
C LEU C 93 -9.16 10.22 -20.30
N LEU C 94 -8.82 8.97 -20.04
CA LEU C 94 -8.82 8.39 -18.70
C LEU C 94 -7.38 8.04 -18.37
N PHE C 95 -7.00 8.26 -17.11
CA PHE C 95 -5.63 8.00 -16.69
C PHE C 95 -5.70 7.31 -15.35
N LEU C 96 -5.08 6.14 -15.25
CA LEU C 96 -5.02 5.39 -14.01
C LEU C 96 -3.58 5.41 -13.51
N ASP C 97 -3.43 5.52 -12.20
CA ASP C 97 -2.11 5.51 -11.60
C ASP C 97 -2.21 4.82 -10.24
N ALA C 98 -1.05 4.55 -9.65
CA ALA C 98 -0.97 3.93 -8.34
C ALA C 98 0.38 4.24 -7.74
N ASP C 99 0.54 3.90 -6.46
CA ASP C 99 1.78 4.18 -5.75
C ASP C 99 2.94 3.41 -6.36
N ARG C 100 4.13 4.02 -6.30
CA ARG C 100 5.31 3.42 -6.92
C ARG C 100 5.60 2.05 -6.30
N ASN C 101 5.65 2.00 -4.97
CA ASN C 101 5.86 0.71 -4.29
C ASN C 101 4.68 -0.23 -4.54
N THR C 102 3.48 0.31 -4.71
CA THR C 102 2.32 -0.56 -4.96
C THR C 102 2.44 -1.20 -6.34
N LEU C 103 2.82 -0.43 -7.36
CA LEU C 103 3.00 -0.99 -8.69
C LEU C 103 4.03 -2.10 -8.71
N ILE C 104 5.12 -1.92 -7.96
CA ILE C 104 6.17 -2.93 -7.89
C ILE C 104 5.62 -4.27 -7.40
N ARG C 105 4.75 -4.23 -6.39
CA ARG C 105 4.15 -5.46 -5.88
C ARG C 105 3.28 -6.14 -6.93
N ARG C 106 2.58 -5.35 -7.74
CA ARG C 106 1.72 -5.90 -8.78
C ARG C 106 2.51 -6.51 -9.93
N TYR C 107 3.73 -6.00 -10.17
CA TYR C 107 4.54 -6.43 -11.31
C TYR C 107 5.00 -7.87 -11.11
N SER C 108 4.50 -8.77 -11.96
CA SER C 108 5.09 -10.10 -12.06
C SER C 108 6.48 -9.98 -12.65
N ASP C 109 7.42 -10.73 -12.08
CA ASP C 109 8.82 -10.61 -12.45
C ASP C 109 9.22 -11.50 -13.63
N THR C 110 8.29 -12.31 -14.14
CA THR C 110 8.55 -13.29 -15.20
C THR C 110 8.47 -12.68 -16.61
N ARG C 111 8.36 -11.36 -16.73
CA ARG C 111 8.36 -10.68 -18.01
C ARG C 111 9.05 -9.33 -17.85
N ARG C 112 9.68 -8.87 -18.92
CA ARG C 112 10.27 -7.53 -18.90
C ARG C 112 9.17 -6.49 -18.79
N LEU C 113 9.52 -5.34 -18.20
CA LEU C 113 8.54 -4.28 -17.99
C LEU C 113 8.41 -3.41 -19.24
N HIS C 114 9.54 -3.09 -19.88
CA HIS C 114 9.56 -2.34 -21.13
C HIS C 114 10.20 -3.25 -22.18
N PRO C 115 9.45 -4.25 -22.67
CA PRO C 115 10.06 -5.31 -23.50
C PRO C 115 10.60 -4.86 -24.85
N LEU C 116 10.44 -3.58 -25.23
CA LEU C 116 10.97 -3.06 -26.49
C LEU C 116 11.65 -1.70 -26.28
N SER C 117 12.17 -1.47 -25.08
CA SER C 117 12.92 -0.26 -24.78
C SER C 117 14.22 -0.65 -24.10
N SER C 118 15.19 0.26 -24.12
CA SER C 118 16.47 -0.01 -23.47
C SER C 118 16.24 -0.33 -22.01
N LYS C 119 16.98 -1.30 -21.49
CA LYS C 119 16.79 -1.77 -20.13
C LYS C 119 16.95 -0.63 -19.13
N ASN C 120 16.14 -0.66 -18.07
CA ASN C 120 16.16 0.38 -17.05
C ASN C 120 17.14 0.05 -15.93
N LEU C 121 17.62 1.09 -15.26
CA LEU C 121 18.66 0.93 -14.24
C LEU C 121 18.12 0.21 -13.02
N SER C 122 16.94 0.61 -12.53
CA SER C 122 16.35 -0.01 -11.35
C SER C 122 14.84 -0.12 -11.56
N LEU C 123 14.22 -0.97 -10.74
CA LEU C 123 12.76 -1.12 -10.82
C LEU C 123 12.06 0.20 -10.58
N GLU C 124 12.60 1.06 -9.71
CA GLU C 124 11.93 2.33 -9.44
C GLU C 124 12.30 3.41 -10.44
N SER C 125 13.41 3.24 -11.16
CA SER C 125 13.73 4.20 -12.21
C SER C 125 12.80 4.01 -13.41
N ALA C 126 12.50 2.76 -13.72
CA ALA C 126 11.59 2.49 -14.84
C ALA C 126 10.20 3.04 -14.57
N ILE C 127 9.69 2.87 -13.36
CA ILE C 127 8.37 3.39 -13.04
C ILE C 127 8.38 4.92 -13.09
N ASP C 128 9.44 5.54 -12.58
CA ASP C 128 9.57 6.99 -12.64
C ASP C 128 9.69 7.47 -14.08
N LYS C 129 10.60 6.89 -14.86
CA LYS C 129 10.73 7.27 -16.26
C LYS C 129 9.41 7.06 -17.00
N GLU C 130 8.71 5.98 -16.66
CA GLU C 130 7.38 5.75 -17.20
C GLU C 130 6.47 6.93 -16.87
N SER C 131 6.50 7.39 -15.62
CA SER C 131 5.71 8.55 -15.22
C SER C 131 6.18 9.81 -15.93
N ASP C 132 7.50 10.00 -16.05
CA ASP C 132 8.04 11.17 -16.74
C ASP C 132 7.51 11.25 -18.16
N LEU C 133 7.53 10.14 -18.89
CA LEU C 133 7.11 10.14 -20.28
C LEU C 133 5.60 10.26 -20.43
N LEU C 134 4.82 10.00 -19.39
CA LEU C 134 3.37 10.12 -19.45
C LEU C 134 2.86 11.38 -18.75
N GLU C 135 3.69 12.41 -18.60
CA GLU C 135 3.22 13.66 -18.03
C GLU C 135 2.31 14.37 -19.02
N PRO C 136 2.67 14.45 -20.32
CA PRO C 136 1.75 15.06 -21.29
C PRO C 136 0.33 14.50 -21.22
N LEU C 137 0.18 13.18 -21.21
CA LEU C 137 -1.15 12.59 -21.14
C LEU C 137 -1.79 12.84 -19.78
N ARG C 138 -1.01 12.78 -18.71
CA ARG C 138 -1.56 12.98 -17.37
C ARG C 138 -2.11 14.40 -17.21
N SER C 139 -1.35 15.40 -17.67
CA SER C 139 -1.76 16.79 -17.49
C SER C 139 -3.07 17.10 -18.21
N ARG C 140 -3.29 16.46 -19.37
CA ARG C 140 -4.48 16.69 -20.17
C ARG C 140 -5.54 15.61 -19.96
N ALA C 141 -5.48 14.89 -18.85
CA ALA C 141 -6.45 13.82 -18.60
C ALA C 141 -7.78 14.40 -18.14
N ASP C 142 -8.87 13.80 -18.61
CA ASP C 142 -10.19 14.20 -18.13
C ASP C 142 -10.41 13.72 -16.70
N LEU C 143 -10.11 12.44 -16.43
CA LEU C 143 -10.27 11.90 -15.10
C LEU C 143 -9.05 11.06 -14.76
N ILE C 144 -8.61 11.13 -13.50
CA ILE C 144 -7.54 10.31 -12.97
C ILE C 144 -8.17 9.36 -11.95
N VAL C 145 -7.65 8.14 -11.87
CA VAL C 145 -8.13 7.14 -10.91
C VAL C 145 -6.89 6.54 -10.24
N ASP C 146 -6.78 6.74 -8.93
CA ASP C 146 -5.70 6.16 -8.15
C ASP C 146 -6.19 4.79 -7.67
N THR C 147 -5.58 3.73 -8.20
CA THR C 147 -5.96 2.37 -7.85
C THR C 147 -5.19 1.83 -6.63
N SER C 148 -4.38 2.68 -5.99
CA SER C 148 -3.45 2.23 -4.95
C SER C 148 -4.12 1.39 -3.86
N GLU C 149 -5.41 1.64 -3.59
CA GLU C 149 -6.08 1.04 -2.45
C GLU C 149 -7.15 0.02 -2.84
N MET C 150 -7.43 -0.15 -4.12
CA MET C 150 -8.50 -1.01 -4.60
C MET C 150 -7.93 -2.29 -5.20
N SER C 151 -8.62 -3.41 -4.93
CA SER C 151 -8.31 -4.68 -5.59
C SER C 151 -8.67 -4.58 -7.08
N VAL C 152 -8.48 -5.69 -7.78
CA VAL C 152 -8.80 -5.72 -9.21
C VAL C 152 -10.30 -5.77 -9.43
N HIS C 153 -11.00 -6.61 -8.65
CA HIS C 153 -12.42 -6.84 -8.88
C HIS C 153 -13.25 -5.61 -8.53
N GLU C 154 -12.87 -4.88 -7.48
CA GLU C 154 -13.55 -3.63 -7.19
C GLU C 154 -13.23 -2.58 -8.25
N LEU C 155 -12.00 -2.59 -8.79
CA LEU C 155 -11.71 -1.67 -9.88
C LEU C 155 -12.56 -2.00 -11.10
N ALA C 156 -12.88 -3.27 -11.29
CA ALA C 156 -13.81 -3.66 -12.34
C ALA C 156 -15.16 -3.00 -12.10
N GLU C 157 -15.78 -3.28 -10.95
CA GLU C 157 -17.11 -2.78 -10.68
C GLU C 157 -17.17 -1.26 -10.55
N MET C 158 -16.10 -0.62 -10.06
CA MET C 158 -16.11 0.83 -9.97
C MET C 158 -16.28 1.47 -11.34
N LEU C 159 -15.51 0.99 -12.32
CA LEU C 159 -15.60 1.54 -13.67
C LEU C 159 -16.90 1.14 -14.35
N ARG C 160 -17.32 -0.12 -14.18
CA ARG C 160 -18.61 -0.57 -14.72
C ARG C 160 -19.75 0.28 -14.19
N THR C 161 -19.79 0.47 -12.86
CA THR C 161 -20.82 1.30 -12.24
C THR C 161 -20.78 2.72 -12.79
N ARG C 162 -19.59 3.30 -12.85
CA ARG C 162 -19.41 4.64 -13.39
C ARG C 162 -19.69 4.66 -14.89
N LEU C 163 -20.04 5.84 -15.40
CA LEU C 163 -20.28 5.98 -16.84
C LEU C 163 -18.98 6.14 -17.61
N LEU C 164 -18.31 7.28 -17.43
CA LEU C 164 -17.08 7.58 -18.15
C LEU C 164 -15.83 7.16 -17.39
N ARG C 169 -20.58 14.84 -16.42
CA ARG C 169 -21.23 16.12 -16.62
C ARG C 169 -20.70 17.17 -15.63
N GLU C 170 -20.68 18.43 -16.07
CA GLU C 170 -20.30 19.52 -15.17
C GLU C 170 -21.29 19.63 -14.03
N LEU C 171 -20.80 19.95 -12.84
CA LEU C 171 -21.59 19.87 -11.61
C LEU C 171 -22.14 21.23 -11.18
N THR C 172 -23.41 21.24 -10.80
CA THR C 172 -24.09 22.43 -10.28
C THR C 172 -24.27 22.30 -8.78
N MET C 173 -23.76 23.28 -8.03
CA MET C 173 -23.84 23.31 -6.58
C MET C 173 -25.00 24.19 -6.15
N VAL C 174 -25.94 23.61 -5.41
CA VAL C 174 -27.13 24.33 -4.95
C VAL C 174 -26.96 24.65 -3.47
N PHE C 175 -27.10 25.94 -3.13
CA PHE C 175 -27.07 26.43 -1.76
C PHE C 175 -28.45 26.97 -1.42
N GLU C 176 -29.16 26.30 -0.52
CA GLU C 176 -30.51 26.72 -0.18
C GLU C 176 -30.65 26.93 1.32
N SER C 177 -31.32 28.01 1.69
CA SER C 177 -31.69 28.30 3.06
C SER C 177 -33.10 27.80 3.32
N PHE C 178 -33.35 27.39 4.56
CA PHE C 178 -34.67 26.87 4.90
C PHE C 178 -34.92 27.04 6.40
N GLY C 179 -36.18 26.90 6.78
CA GLY C 179 -36.59 26.90 8.17
C GLY C 179 -36.97 25.50 8.61
N PHE C 180 -36.41 25.06 9.73
CA PHE C 180 -36.64 23.71 10.22
C PHE C 180 -38.11 23.44 10.55
N LYS C 181 -38.85 24.48 10.96
CA LYS C 181 -40.25 24.30 11.31
C LYS C 181 -41.09 23.88 10.11
N HIS C 182 -40.64 24.18 8.89
CA HIS C 182 -41.34 23.77 7.69
C HIS C 182 -40.86 22.42 7.15
N GLY C 183 -39.73 21.94 7.60
CA GLY C 183 -39.19 20.68 7.17
C GLY C 183 -37.87 20.84 6.41
N ILE C 184 -37.16 19.73 6.29
CA ILE C 184 -35.85 19.67 5.65
C ILE C 184 -36.04 19.49 4.15
N PRO C 185 -35.32 20.24 3.32
CA PRO C 185 -35.47 20.09 1.87
C PRO C 185 -35.25 18.66 1.40
N ILE C 186 -36.15 18.18 0.54
CA ILE C 186 -36.07 16.80 0.07
C ILE C 186 -34.82 16.60 -0.77
N ASP C 187 -34.42 17.61 -1.54
CA ASP C 187 -33.34 17.52 -2.50
C ASP C 187 -31.97 17.78 -1.90
N ALA C 188 -31.90 18.07 -0.61
CA ALA C 188 -30.62 18.43 0.00
C ALA C 188 -29.71 17.22 0.11
N ASP C 189 -28.42 17.43 -0.17
CA ASP C 189 -27.40 16.41 0.00
C ASP C 189 -26.61 16.58 1.29
N TYR C 190 -26.20 17.81 1.60
CA TYR C 190 -25.60 18.17 2.88
C TYR C 190 -26.50 19.18 3.58
N VAL C 191 -26.62 19.04 4.89
CA VAL C 191 -27.42 19.95 5.72
C VAL C 191 -26.57 20.38 6.91
N PHE C 192 -26.53 21.69 7.16
CA PHE C 192 -25.78 22.26 8.27
C PHE C 192 -26.71 23.08 9.16
N ASP C 193 -26.67 22.80 10.46
CA ASP C 193 -27.47 23.56 11.42
C ASP C 193 -26.69 24.80 11.84
N VAL C 194 -27.31 25.96 11.70
CA VAL C 194 -26.71 27.24 12.05
C VAL C 194 -27.51 27.95 13.14
N ARG C 195 -28.37 27.23 13.85
CA ARG C 195 -29.24 27.86 14.84
C ARG C 195 -28.51 28.28 16.11
N PHE C 196 -27.21 27.96 16.24
CA PHE C 196 -26.41 28.40 17.38
C PHE C 196 -25.69 29.71 17.12
N LEU C 197 -25.74 30.24 15.89
CA LEU C 197 -25.00 31.44 15.59
C LEU C 197 -25.69 32.66 16.17
N PRO C 198 -24.96 33.77 16.32
CA PRO C 198 -25.59 35.01 16.78
C PRO C 198 -26.87 35.31 16.03
N ASN C 199 -27.87 35.79 16.76
CA ASN C 199 -29.21 35.95 16.21
C ASN C 199 -29.48 37.40 15.83
N PRO C 200 -30.02 37.65 14.62
CA PRO C 200 -30.51 38.99 14.31
C PRO C 200 -31.91 39.24 14.88
N LEU C 206 -35.32 44.03 13.06
CA LEU C 206 -34.82 43.24 11.94
C LEU C 206 -35.72 42.04 11.67
N ARG C 207 -36.64 41.78 12.59
CA ARG C 207 -37.58 40.66 12.44
C ARG C 207 -38.36 40.66 11.13
N PRO C 208 -38.82 41.79 10.58
CA PRO C 208 -39.49 41.75 9.27
C PRO C 208 -38.54 41.73 8.09
N MET C 209 -37.25 41.94 8.30
CA MET C 209 -36.28 41.94 7.23
C MET C 209 -35.88 40.52 6.85
N THR C 210 -35.30 40.38 5.68
CA THR C 210 -34.81 39.08 5.20
C THR C 210 -33.29 39.09 5.13
N GLY C 211 -32.72 37.90 5.03
CA GLY C 211 -31.27 37.76 5.02
C GLY C 211 -30.60 38.44 3.84
N LEU C 212 -31.35 38.69 2.76
CA LEU C 212 -30.80 39.41 1.62
C LEU C 212 -30.65 40.90 1.92
N ASP C 213 -31.41 41.42 2.88
CA ASP C 213 -31.39 42.84 3.18
C ASP C 213 -30.10 43.21 3.91
N LYS C 214 -29.45 44.29 3.46
CA LYS C 214 -28.16 44.67 4.00
C LYS C 214 -28.14 44.84 5.52
N PRO C 215 -29.18 45.37 6.18
CA PRO C 215 -29.15 45.40 7.66
C PRO C 215 -28.93 44.02 8.28
N VAL C 216 -29.66 43.00 7.84
CA VAL C 216 -29.43 41.65 8.34
C VAL C 216 -28.03 41.19 7.96
N ALA C 217 -27.59 41.54 6.75
CA ALA C 217 -26.21 41.22 6.34
C ALA C 217 -25.20 41.88 7.26
N ALA C 218 -25.31 43.20 7.46
CA ALA C 218 -24.36 43.92 8.31
C ALA C 218 -24.41 43.40 9.74
N PHE C 219 -25.59 43.04 10.23
CA PHE C 219 -25.71 42.48 11.56
C PHE C 219 -24.89 41.19 11.69
N LEU C 220 -25.11 40.24 10.78
CA LEU C 220 -24.35 38.99 10.83
C LEU C 220 -22.89 39.18 10.47
N ASP C 221 -22.59 40.09 9.54
CA ASP C 221 -21.20 40.37 9.19
C ASP C 221 -20.45 40.93 10.39
N ARG C 222 -21.15 41.66 11.26
CA ARG C 222 -20.51 42.22 12.45
C ARG C 222 -19.98 41.12 13.36
N HIS C 223 -20.62 39.96 13.37
CA HIS C 223 -20.15 38.87 14.20
C HIS C 223 -19.02 38.12 13.49
N THR C 224 -17.92 37.91 14.21
CA THR C 224 -16.77 37.22 13.62
C THR C 224 -17.03 35.72 13.51
N GLU C 225 -17.81 35.17 14.43
CA GLU C 225 -18.05 33.73 14.45
C GLU C 225 -18.75 33.27 13.17
N VAL C 226 -19.53 34.16 12.54
CA VAL C 226 -20.12 33.84 11.24
C VAL C 226 -19.03 33.64 10.20
N HIS C 227 -18.03 34.54 10.19
CA HIS C 227 -16.92 34.40 9.25
C HIS C 227 -16.14 33.13 9.52
N ASN C 228 -15.95 32.78 10.79
CA ASN C 228 -15.29 31.52 11.12
C ASN C 228 -16.15 30.34 10.65
N PHE C 229 -17.48 30.44 10.82
CA PHE C 229 -18.34 29.34 10.40
C PHE C 229 -18.29 29.11 8.89
N ILE C 230 -18.47 30.18 8.12
CA ILE C 230 -18.43 30.05 6.66
C ILE C 230 -17.09 29.48 6.21
N TYR C 231 -15.99 30.06 6.72
CA TYR C 231 -14.66 29.60 6.35
C TYR C 231 -14.50 28.12 6.64
N GLN C 232 -14.87 27.68 7.84
CA GLN C 232 -14.66 26.28 8.21
C GLN C 232 -15.58 25.33 7.45
N THR C 233 -16.80 25.75 7.14
CA THR C 233 -17.74 24.88 6.44
C THR C 233 -17.35 24.70 4.98
N ARG C 234 -17.10 25.80 4.26
CA ARG C 234 -16.69 25.69 2.87
C ARG C 234 -15.32 25.04 2.73
N SER C 235 -14.43 25.25 3.71
CA SER C 235 -13.17 24.53 3.72
C SER C 235 -13.42 23.04 3.88
N TYR C 236 -14.43 22.69 4.69
CA TYR C 236 -14.81 21.30 4.89
C TYR C 236 -15.34 20.69 3.60
N LEU C 237 -16.17 21.43 2.86
CA LEU C 237 -16.73 20.92 1.61
C LEU C 237 -15.66 20.74 0.54
N GLU C 238 -14.68 21.65 0.48
CA GLU C 238 -13.61 21.52 -0.50
C GLU C 238 -12.82 20.23 -0.32
N LEU C 239 -12.86 19.64 0.88
CA LEU C 239 -12.18 18.37 1.10
C LEU C 239 -12.76 17.28 0.21
N TRP C 240 -14.07 17.32 -0.03
CA TRP C 240 -14.75 16.30 -0.82
C TRP C 240 -15.20 16.81 -2.18
N LEU C 241 -15.06 18.10 -2.45
CA LEU C 241 -15.54 18.62 -3.74
C LEU C 241 -14.81 18.00 -4.92
N PRO C 242 -13.49 17.79 -4.91
CA PRO C 242 -12.88 17.06 -6.04
C PRO C 242 -13.43 15.65 -6.22
N MET C 243 -13.73 14.94 -5.13
CA MET C 243 -14.28 13.59 -5.27
C MET C 243 -15.74 13.64 -5.72
N LEU C 244 -16.50 14.65 -5.28
CA LEU C 244 -17.88 14.78 -5.72
C LEU C 244 -18.02 15.33 -7.13
N GLU C 245 -17.04 16.09 -7.62
CA GLU C 245 -17.14 16.61 -8.98
C GLU C 245 -17.02 15.50 -10.01
N THR C 246 -16.38 14.40 -9.65
CA THR C 246 -16.14 13.26 -10.54
C THR C 246 -16.96 12.05 -10.08
N ASN C 247 -18.27 12.28 -9.93
CA ASN C 247 -19.16 11.22 -9.45
C ASN C 247 -20.46 11.13 -10.26
N ASN C 248 -20.52 11.72 -11.45
CA ASN C 248 -21.66 11.63 -12.36
C ASN C 248 -22.91 12.28 -11.79
N ARG C 249 -22.88 12.71 -10.54
CA ARG C 249 -23.99 13.45 -9.96
C ARG C 249 -24.05 14.84 -10.59
N SER C 250 -25.25 15.25 -10.99
CA SER C 250 -25.45 16.53 -11.65
C SER C 250 -25.66 17.68 -10.68
N TYR C 251 -26.11 17.39 -9.46
CA TYR C 251 -26.42 18.42 -8.47
C TYR C 251 -25.83 18.01 -7.13
N LEU C 252 -25.30 19.00 -6.42
CA LEU C 252 -24.90 18.84 -5.02
C LEU C 252 -25.61 19.95 -4.26
N THR C 253 -26.58 19.58 -3.43
CA THR C 253 -27.45 20.53 -2.76
C THR C 253 -27.00 20.66 -1.31
N VAL C 254 -26.57 21.86 -0.94
CA VAL C 254 -26.10 22.15 0.40
C VAL C 254 -27.15 23.02 1.07
N ALA C 255 -27.76 22.49 2.12
CA ALA C 255 -28.87 23.15 2.80
C ALA C 255 -28.40 23.75 4.11
N ILE C 256 -28.63 25.04 4.29
CA ILE C 256 -28.31 25.75 5.52
C ILE C 256 -29.64 26.06 6.21
N GLY C 257 -29.76 25.64 7.47
CA GLY C 257 -31.03 25.78 8.15
C GLY C 257 -30.98 26.52 9.48
N CYS C 258 -31.81 27.56 9.60
CA CYS C 258 -32.12 28.18 10.86
C CYS C 258 -33.58 27.89 11.20
N THR C 259 -34.12 28.60 12.19
CA THR C 259 -35.48 28.30 12.66
C THR C 259 -36.54 28.85 11.70
N GLY C 260 -36.44 30.12 11.33
CA GLY C 260 -37.44 30.75 10.48
C GLY C 260 -37.14 30.66 9.00
N GLY C 261 -35.87 30.44 8.65
CA GLY C 261 -35.46 30.36 7.26
C GLY C 261 -35.43 31.68 6.54
N LYS C 262 -35.41 32.79 7.29
CA LYS C 262 -35.37 34.14 6.72
C LYS C 262 -34.18 34.95 7.18
N HIS C 263 -33.56 34.60 8.32
CA HIS C 263 -32.53 35.44 8.92
C HIS C 263 -31.13 34.84 8.72
N ARG C 264 -30.76 33.88 9.58
CA ARG C 264 -29.41 33.33 9.58
C ARG C 264 -29.13 32.49 8.34
N SER C 265 -30.03 31.55 8.04
CA SER C 265 -29.81 30.60 6.93
C SER C 265 -29.61 31.31 5.60
N VAL C 266 -30.37 32.38 5.36
CA VAL C 266 -30.28 33.09 4.08
C VAL C 266 -28.87 33.66 3.86
N TYR C 267 -28.35 34.35 4.88
CA TYR C 267 -27.07 35.05 4.73
C TYR C 267 -25.92 34.09 4.43
N ILE C 268 -25.90 32.94 5.12
CA ILE C 268 -24.78 32.01 4.97
C ILE C 268 -24.73 31.42 3.56
N ALA C 269 -25.88 31.00 3.02
CA ALA C 269 -25.91 30.37 1.72
C ALA C 269 -25.39 31.28 0.61
N GLU C 270 -25.79 32.57 0.62
CA GLU C 270 -25.33 33.50 -0.41
C GLU C 270 -23.81 33.64 -0.41
N GLN C 271 -23.20 33.73 0.78
CA GLN C 271 -21.75 33.88 0.84
C GLN C 271 -21.03 32.61 0.37
N LEU C 272 -21.61 31.45 0.65
CA LEU C 272 -21.02 30.20 0.18
C LEU C 272 -21.02 30.16 -1.34
N ALA C 273 -22.12 30.58 -1.96
CA ALA C 273 -22.20 30.67 -3.41
C ALA C 273 -21.16 31.64 -3.97
N ASP C 274 -21.09 32.85 -3.38
CA ASP C 274 -20.15 33.85 -3.84
C ASP C 274 -18.72 33.33 -3.79
N TYR C 275 -18.41 32.52 -2.78
CA TYR C 275 -17.07 31.95 -2.70
C TYR C 275 -16.83 30.95 -3.84
N PHE C 276 -17.70 29.95 -3.97
CA PHE C 276 -17.52 28.96 -5.01
C PHE C 276 -17.73 29.56 -6.41
N ARG C 277 -18.59 30.57 -6.52
CA ARG C 277 -18.65 31.32 -7.77
C ARG C 277 -17.32 32.00 -8.06
N SER C 278 -16.71 32.59 -7.02
CA SER C 278 -15.37 33.16 -7.18
C SER C 278 -14.37 32.07 -7.48
N ARG C 279 -14.64 30.85 -7.02
CA ARG C 279 -13.79 29.70 -7.29
C ARG C 279 -14.07 29.06 -8.63
N GLY C 280 -14.94 29.65 -9.45
CA GLY C 280 -15.20 29.14 -10.78
C GLY C 280 -16.14 27.95 -10.84
N LYS C 281 -16.98 27.77 -9.83
CA LYS C 281 -17.90 26.64 -9.82
C LYS C 281 -19.27 27.08 -10.31
N ASN C 282 -20.10 26.11 -10.69
CA ASN C 282 -21.46 26.41 -11.14
C ASN C 282 -22.36 26.34 -9.91
N VAL C 283 -22.92 27.50 -9.52
CA VAL C 283 -23.70 27.58 -8.30
C VAL C 283 -24.98 28.37 -8.57
N GLN C 284 -26.01 28.04 -7.79
CA GLN C 284 -27.27 28.78 -7.73
C GLN C 284 -27.75 28.79 -6.29
N SER C 285 -28.40 29.88 -5.89
CA SER C 285 -28.97 29.99 -4.55
C SER C 285 -30.48 30.10 -4.65
N ARG C 286 -31.17 29.49 -3.68
CA ARG C 286 -32.62 29.44 -3.63
C ARG C 286 -33.02 29.40 -2.17
N HIS C 287 -33.95 30.26 -1.78
CA HIS C 287 -34.33 30.39 -0.36
C HIS C 287 -35.76 29.87 -0.20
N ARG C 288 -35.87 28.63 0.30
CA ARG C 288 -37.15 27.93 0.34
C ARG C 288 -38.21 28.72 1.10
N THR C 289 -37.80 29.43 2.16
CA THR C 289 -38.78 30.15 2.98
C THR C 289 -39.29 31.41 2.30
N LEU C 290 -38.45 32.09 1.51
CA LEU C 290 -38.84 33.36 0.91
C LEU C 290 -39.65 33.16 -0.37
N GLU C 291 -40.37 32.04 -0.49
CA GLU C 291 -41.21 31.76 -1.66
C GLU C 291 -42.52 31.10 -1.18
N LYS C 292 -43.46 31.93 -0.75
CA LYS C 292 -44.80 31.51 -0.34
C LYS C 292 -45.70 32.72 -0.09
N MET D 12 -6.94 16.38 40.34
CA MET D 12 -5.65 15.77 40.02
C MET D 12 -5.58 14.37 40.62
N VAL D 13 -6.70 13.66 40.55
CA VAL D 13 -6.83 12.36 41.21
C VAL D 13 -5.76 11.41 40.75
N LEU D 14 -5.40 10.45 41.60
CA LEU D 14 -4.46 9.39 41.25
C LEU D 14 -5.20 8.06 41.23
N MET D 15 -6.02 7.88 40.19
CA MET D 15 -6.73 6.62 40.04
C MET D 15 -5.75 5.48 39.85
N ILE D 16 -5.71 4.56 40.81
CA ILE D 16 -4.86 3.39 40.77
C ILE D 16 -5.70 2.25 40.21
N VAL D 17 -5.25 1.66 39.09
CA VAL D 17 -5.99 0.62 38.42
C VAL D 17 -5.36 -0.73 38.73
N SER D 18 -6.17 -1.66 39.21
CA SER D 18 -5.73 -2.99 39.58
C SER D 18 -6.80 -3.98 39.14
N GLY D 19 -6.50 -5.27 39.32
CA GLY D 19 -7.41 -6.32 38.89
C GLY D 19 -6.65 -7.50 38.34
N ARG D 20 -7.31 -8.64 38.19
CA ARG D 20 -6.61 -9.82 37.70
C ARG D 20 -6.23 -9.64 36.23
N SER D 21 -5.18 -10.36 35.83
CA SER D 21 -4.70 -10.29 34.45
C SER D 21 -5.76 -10.83 33.51
N GLY D 22 -6.24 -9.96 32.60
CA GLY D 22 -7.31 -10.31 31.69
C GLY D 22 -8.65 -9.70 32.04
N SER D 23 -8.74 -8.92 33.11
CA SER D 23 -9.97 -8.31 33.56
C SER D 23 -10.28 -7.00 32.85
N GLY D 24 -9.43 -6.56 31.94
CA GLY D 24 -9.66 -5.34 31.21
C GLY D 24 -9.05 -4.11 31.83
N LYS D 25 -7.99 -4.26 32.63
CA LYS D 25 -7.33 -3.09 33.20
C LYS D 25 -6.70 -2.25 32.10
N SER D 26 -6.21 -2.91 31.04
CA SER D 26 -5.67 -2.18 29.90
C SER D 26 -6.75 -1.34 29.23
N VAL D 27 -7.99 -1.81 29.26
CA VAL D 27 -9.10 -1.03 28.71
C VAL D 27 -9.44 0.13 29.63
N ALA D 28 -9.39 -0.10 30.94
CA ALA D 28 -9.64 0.98 31.90
C ALA D 28 -8.61 2.09 31.74
N LEU D 29 -7.32 1.74 31.71
CA LEU D 29 -6.28 2.73 31.55
C LEU D 29 -6.49 3.55 30.27
N ARG D 30 -6.91 2.86 29.20
CA ARG D 30 -7.24 3.56 27.95
C ARG D 30 -8.38 4.55 28.15
N ALA D 31 -9.41 4.15 28.90
CA ALA D 31 -10.52 5.05 29.17
C ALA D 31 -10.06 6.29 29.94
N LEU D 32 -9.33 6.08 31.03
CA LEU D 32 -8.76 7.21 31.77
C LEU D 32 -7.88 8.07 30.87
N GLU D 33 -7.19 7.46 29.92
CA GLU D 33 -6.38 8.20 28.95
C GLU D 33 -7.25 9.15 28.12
N ASP D 34 -8.44 8.69 27.71
CA ASP D 34 -9.34 9.55 26.96
C ASP D 34 -9.77 10.77 27.76
N MET D 35 -10.07 10.59 29.05
CA MET D 35 -10.50 11.69 29.90
C MET D 35 -9.43 12.75 30.09
N GLY D 36 -8.17 12.41 29.86
CA GLY D 36 -7.07 13.33 30.02
C GLY D 36 -6.06 12.91 31.07
N PHE D 37 -6.24 11.75 31.69
CA PHE D 37 -5.28 11.31 32.70
C PHE D 37 -3.98 10.88 32.04
N TYR D 38 -2.88 11.11 32.74
CA TYR D 38 -1.58 10.62 32.28
C TYR D 38 -1.44 9.17 32.74
N CYS D 39 -1.43 8.24 31.79
CA CYS D 39 -1.43 6.82 32.09
C CYS D 39 -0.05 6.23 31.87
N VAL D 40 0.47 5.57 32.90
CA VAL D 40 1.76 4.90 32.85
C VAL D 40 1.51 3.45 33.24
N ASP D 41 1.90 2.52 32.38
CA ASP D 41 1.62 1.11 32.63
C ASP D 41 2.80 0.42 33.29
N ASN D 42 2.49 -0.42 34.27
CA ASN D 42 3.45 -1.36 34.86
C ASN D 42 4.58 -0.62 35.57
N LEU D 43 4.32 0.60 36.04
CA LEU D 43 5.33 1.37 36.76
C LEU D 43 5.61 0.74 38.12
N PRO D 44 6.87 0.68 38.55
CA PRO D 44 7.16 0.17 39.89
C PRO D 44 6.58 1.07 40.96
N VAL D 45 6.01 0.44 42.00
CA VAL D 45 5.28 1.18 43.03
C VAL D 45 6.19 2.19 43.72
N VAL D 46 7.45 1.83 43.95
CA VAL D 46 8.37 2.68 44.69
C VAL D 46 8.46 4.07 44.07
N LEU D 47 8.34 4.16 42.76
CA LEU D 47 8.50 5.42 42.04
C LEU D 47 7.20 6.17 41.82
N LEU D 48 6.11 5.75 42.49
CA LEU D 48 4.84 6.47 42.38
C LEU D 48 4.96 7.92 42.84
N PRO D 49 5.61 8.24 43.96
CA PRO D 49 5.82 9.67 44.29
C PRO D 49 6.51 10.43 43.17
N ASP D 50 7.60 9.86 42.64
CA ASP D 50 8.38 10.53 41.61
C ASP D 50 7.52 10.94 40.42
N LEU D 51 6.63 10.06 39.97
CA LEU D 51 5.77 10.39 38.84
C LEU D 51 4.92 11.61 39.16
N ALA D 52 4.27 11.62 40.32
CA ALA D 52 3.43 12.75 40.69
C ALA D 52 4.24 14.03 40.75
N ARG D 53 5.35 14.03 41.49
CA ARG D 53 6.19 15.22 41.60
C ARG D 53 6.60 15.73 40.21
N THR D 54 6.95 14.81 39.31
CA THR D 54 7.27 15.21 37.94
C THR D 54 6.04 15.69 37.18
N LEU D 55 4.87 15.10 37.43
CA LEU D 55 3.63 15.44 36.74
C LEU D 55 2.78 16.50 37.44
N ALA D 56 2.88 16.62 38.77
CA ALA D 56 2.07 17.59 39.52
C ALA D 56 2.11 18.98 38.92
N ASP D 57 3.30 19.42 38.52
CA ASP D 57 3.48 20.75 37.94
C ASP D 57 2.57 20.96 36.72
N ARG D 58 2.35 19.91 35.94
CA ARG D 58 1.50 20.02 34.77
C ARG D 58 0.05 20.30 35.14
N GLU D 59 -0.32 20.05 36.40
CA GLU D 59 -1.67 20.32 36.92
C GLU D 59 -2.70 19.50 36.14
N ILE D 60 -2.45 18.19 36.08
CA ILE D 60 -3.35 17.20 35.50
C ILE D 60 -3.34 15.97 36.37
N SER D 61 -4.39 15.16 36.26
CA SER D 61 -4.47 13.93 37.03
C SER D 61 -3.62 12.84 36.36
N ALA D 62 -3.44 11.73 37.08
CA ALA D 62 -2.61 10.63 36.61
C ALA D 62 -3.26 9.30 36.98
N ALA D 63 -2.94 8.27 36.19
CA ALA D 63 -3.43 6.92 36.42
C ALA D 63 -2.29 5.93 36.16
N VAL D 64 -2.20 4.90 36.99
CA VAL D 64 -1.14 3.90 36.87
C VAL D 64 -1.75 2.51 37.08
N SER D 65 -1.08 1.50 36.53
CA SER D 65 -1.56 0.12 36.59
C SER D 65 -0.69 -0.67 37.55
N ILE D 66 -1.34 -1.51 38.36
CA ILE D 66 -0.65 -2.40 39.29
C ILE D 66 -1.24 -3.81 39.11
N ASP D 67 -0.46 -4.70 38.50
CA ASP D 67 -0.86 -6.10 38.30
C ASP D 67 0.26 -7.02 38.80
N VAL D 68 0.21 -8.29 38.40
CA VAL D 68 1.23 -9.25 38.82
C VAL D 68 2.62 -8.75 38.47
N ARG D 69 2.75 -8.07 37.32
CA ARG D 69 4.04 -7.48 36.96
C ARG D 69 4.40 -6.32 37.87
N ASN D 70 3.44 -5.47 38.22
CA ASN D 70 3.69 -4.26 39.00
C ASN D 70 3.53 -4.53 40.49
N SER D 74 4.85 -7.48 49.23
CA SER D 74 5.23 -6.90 50.52
C SER D 74 4.55 -5.55 50.73
N PRO D 75 3.56 -5.50 51.63
CA PRO D 75 2.77 -4.26 51.78
C PRO D 75 3.52 -3.10 52.42
N GLU D 76 4.59 -3.37 53.20
CA GLU D 76 5.30 -2.29 53.87
C GLU D 76 5.74 -1.22 52.88
N ILE D 77 6.43 -1.62 51.81
CA ILE D 77 6.85 -0.65 50.80
C ILE D 77 5.63 -0.09 50.08
N PHE D 78 4.61 -0.93 49.88
CA PHE D 78 3.39 -0.50 49.20
C PHE D 78 2.70 0.64 49.95
N GLU D 79 2.39 0.44 51.23
CA GLU D 79 1.79 1.54 51.99
C GLU D 79 2.73 2.72 52.09
N GLN D 80 4.01 2.46 52.38
CA GLN D 80 5.00 3.52 52.47
C GLN D 80 5.04 4.38 51.21
N ALA D 81 5.17 3.75 50.05
CA ALA D 81 5.20 4.50 48.80
C ALA D 81 3.93 5.30 48.60
N MET D 82 2.77 4.65 48.76
CA MET D 82 1.50 5.37 48.64
C MET D 82 1.40 6.48 49.68
N SER D 83 1.75 6.16 50.93
CA SER D 83 1.74 7.17 52.00
C SER D 83 2.72 8.29 51.70
N ASN D 84 3.85 7.96 51.06
CA ASN D 84 4.86 8.95 50.68
C ASN D 84 4.36 9.60 49.40
N LEU D 85 3.54 10.64 49.57
CA LEU D 85 2.89 11.23 48.40
C LEU D 85 2.52 12.69 48.60
N PRO D 86 2.65 13.52 47.56
CA PRO D 86 2.39 14.96 47.73
C PRO D 86 0.93 15.26 47.99
N ASP D 87 0.70 16.33 48.75
CA ASP D 87 -0.67 16.71 49.15
C ASP D 87 -1.55 17.04 47.95
N ALA D 88 -0.97 17.66 46.92
CA ALA D 88 -1.69 18.06 45.71
C ALA D 88 -2.61 16.97 45.17
N PHE D 89 -2.05 15.78 44.90
CA PHE D 89 -2.77 14.68 44.26
C PHE D 89 -3.42 13.78 45.30
N SER D 90 -4.74 13.58 45.17
CA SER D 90 -5.48 12.72 46.08
C SER D 90 -5.60 11.32 45.50
N PRO D 91 -5.09 10.29 46.18
CA PRO D 91 -5.12 8.92 45.64
C PRO D 91 -6.48 8.25 45.73
N GLN D 92 -6.82 7.50 44.68
CA GLN D 92 -8.00 6.64 44.65
C GLN D 92 -7.58 5.30 44.05
N LEU D 93 -8.14 4.22 44.59
CA LEU D 93 -7.73 2.86 44.25
C LEU D 93 -8.89 2.09 43.61
N LEU D 94 -8.65 1.50 42.45
CA LEU D 94 -9.64 0.71 41.72
C LEU D 94 -9.16 -0.72 41.51
N PHE D 95 -10.12 -1.66 41.52
CA PHE D 95 -9.85 -3.09 41.37
C PHE D 95 -10.91 -3.67 40.44
N LEU D 96 -10.47 -4.43 39.43
CA LEU D 96 -11.37 -5.08 38.49
C LEU D 96 -11.36 -6.59 38.71
N ASP D 97 -12.50 -7.23 38.51
CA ASP D 97 -12.61 -8.68 38.64
C ASP D 97 -13.59 -9.28 37.64
N ASP D 99 -15.18 -12.98 35.48
CA ASP D 99 -15.60 -14.38 35.58
C ASP D 99 -14.63 -15.29 34.83
N ARG D 100 -14.48 -16.53 35.32
CA ARG D 100 -13.49 -17.45 34.78
C ARG D 100 -13.71 -17.70 33.30
N ASN D 101 -14.94 -18.04 32.90
CA ASN D 101 -15.21 -18.30 31.50
C ASN D 101 -15.00 -17.05 30.66
N THR D 102 -15.29 -15.87 31.20
CA THR D 102 -15.02 -14.63 30.49
C THR D 102 -13.53 -14.31 30.48
N LEU D 103 -12.87 -14.48 31.63
CA LEU D 103 -11.44 -14.20 31.73
C LEU D 103 -10.63 -15.05 30.75
N ILE D 104 -10.99 -16.33 30.63
CA ILE D 104 -10.31 -17.20 29.68
C ILE D 104 -10.44 -16.64 28.26
N ARG D 105 -11.62 -16.13 27.93
CA ARG D 105 -11.82 -15.52 26.61
C ARG D 105 -10.91 -14.32 26.41
N ARG D 106 -10.65 -13.55 27.46
CA ARG D 106 -9.78 -12.40 27.34
C ARG D 106 -8.32 -12.80 27.12
N TYR D 107 -7.92 -13.95 27.67
CA TYR D 107 -6.54 -14.42 27.56
C TYR D 107 -6.23 -14.91 26.14
N GLU D 124 -6.20 -23.72 35.91
CA GLU D 124 -6.12 -22.50 36.71
C GLU D 124 -4.80 -22.42 37.46
N SER D 125 -3.71 -22.84 36.82
CA SER D 125 -2.40 -22.71 37.42
C SER D 125 -1.97 -21.26 37.51
N ALA D 126 -2.19 -20.49 36.45
CA ALA D 126 -1.90 -19.05 36.51
C ALA D 126 -2.82 -18.34 37.48
N ILE D 127 -4.10 -18.73 37.49
CA ILE D 127 -5.11 -18.10 38.34
C ILE D 127 -4.83 -18.35 39.82
N ASP D 128 -4.32 -19.53 40.18
CA ASP D 128 -4.07 -19.83 41.58
C ASP D 128 -3.11 -18.84 42.20
N LYS D 129 -1.94 -18.65 41.58
CA LYS D 129 -1.02 -17.62 42.07
C LYS D 129 -1.66 -16.24 41.98
N GLU D 130 -2.38 -15.98 40.88
CA GLU D 130 -3.10 -14.73 40.71
C GLU D 130 -4.12 -14.51 41.84
N SER D 131 -4.87 -15.55 42.19
CA SER D 131 -5.86 -15.42 43.25
C SER D 131 -5.20 -15.09 44.59
N ASP D 132 -4.11 -15.80 44.92
CA ASP D 132 -3.37 -15.51 46.14
C ASP D 132 -2.86 -14.07 46.14
N LEU D 133 -2.30 -13.64 45.00
CA LEU D 133 -1.72 -12.30 44.89
C LEU D 133 -2.77 -11.21 44.88
N LEU D 134 -4.04 -11.54 44.68
CA LEU D 134 -5.12 -10.57 44.71
C LEU D 134 -5.85 -10.67 46.06
N GLU D 135 -5.21 -10.12 47.07
CA GLU D 135 -5.79 -10.11 48.41
C GLU D 135 -5.47 -8.84 49.20
N PRO D 136 -4.20 -8.36 49.26
CA PRO D 136 -3.93 -7.12 50.00
C PRO D 136 -4.79 -5.95 49.51
N LEU D 137 -4.69 -5.66 48.21
CA LEU D 137 -5.46 -4.57 47.62
C LEU D 137 -6.93 -4.93 47.45
N ARG D 138 -7.22 -6.19 47.11
CA ARG D 138 -8.60 -6.59 46.87
C ARG D 138 -9.47 -6.46 48.12
N SER D 139 -8.94 -6.87 49.28
CA SER D 139 -9.73 -6.78 50.51
C SER D 139 -10.02 -5.31 50.85
N ARG D 140 -9.08 -4.42 50.57
CA ARG D 140 -9.21 -3.00 50.83
C ARG D 140 -9.56 -2.22 49.56
N ALA D 141 -10.14 -2.88 48.57
CA ALA D 141 -10.48 -2.24 47.31
C ALA D 141 -11.74 -1.39 47.45
N ASP D 142 -11.76 -0.26 46.75
CA ASP D 142 -12.95 0.60 46.72
C ASP D 142 -14.06 -0.07 45.91
N LEU D 143 -13.72 -0.54 44.72
CA LEU D 143 -14.68 -1.16 43.81
C LEU D 143 -14.05 -2.41 43.22
N ILE D 144 -14.90 -3.39 42.92
CA ILE D 144 -14.49 -4.61 42.23
C ILE D 144 -15.02 -4.63 40.80
N VAL D 145 -16.27 -4.18 40.61
CA VAL D 145 -16.90 -3.99 39.30
C VAL D 145 -16.89 -5.24 38.43
N ASP D 146 -16.63 -6.40 39.02
CA ASP D 146 -16.64 -7.71 38.33
C ASP D 146 -16.21 -7.66 36.86
N GLU D 154 -21.39 -3.36 26.49
CA GLU D 154 -21.92 -2.81 27.73
C GLU D 154 -20.79 -2.49 28.72
N LEU D 155 -19.79 -3.37 28.74
CA LEU D 155 -18.65 -3.19 29.65
C LEU D 155 -17.76 -2.01 29.23
N ALA D 156 -17.70 -1.70 27.93
CA ALA D 156 -16.86 -0.60 27.46
C ALA D 156 -17.27 0.73 28.09
N GLU D 157 -18.48 1.20 27.79
CA GLU D 157 -18.97 2.49 28.27
C GLU D 157 -19.19 2.53 29.78
N MET D 158 -19.33 1.37 30.42
CA MET D 158 -19.64 1.29 31.84
C MET D 158 -18.75 2.17 32.71
N LEU D 159 -17.48 2.29 32.36
CA LEU D 159 -16.57 3.11 33.16
C LEU D 159 -16.98 4.59 33.17
N ARG D 160 -17.54 5.08 32.07
CA ARG D 160 -18.02 6.47 32.04
C ARG D 160 -19.00 6.73 33.19
N THR D 161 -19.96 5.82 33.40
CA THR D 161 -20.90 5.94 34.50
C THR D 161 -20.18 6.01 35.85
N ARG D 162 -19.05 5.30 35.97
CA ARG D 162 -18.30 5.27 37.22
C ARG D 162 -17.90 6.68 37.67
N LEU D 163 -17.00 7.32 36.92
CA LEU D 163 -16.58 8.68 37.29
C LEU D 163 -17.70 9.64 36.90
N LEU D 164 -18.68 9.73 37.81
CA LEU D 164 -19.87 10.57 37.69
C LEU D 164 -20.44 10.45 36.28
N GLY D 165 -20.61 11.58 35.59
CA GLY D 165 -21.16 11.57 34.25
C GLY D 165 -22.61 11.10 34.17
N LYS D 166 -23.35 11.61 33.20
CA LYS D 166 -24.74 11.21 32.99
C LYS D 166 -25.25 11.72 31.65
N GLU D 168 -29.09 13.44 33.88
CA GLU D 168 -28.13 13.88 32.87
C GLU D 168 -27.88 15.38 32.92
N ARG D 169 -28.85 16.15 32.42
CA ARG D 169 -28.72 17.60 32.23
C ARG D 169 -27.63 17.95 31.21
N GLU D 170 -27.31 17.01 30.31
CA GLU D 170 -26.29 17.20 29.30
C GLU D 170 -26.87 16.99 27.91
N LEU D 171 -26.14 17.47 26.90
CA LEU D 171 -26.57 17.31 25.53
C LEU D 171 -26.37 15.86 25.06
N THR D 172 -27.35 15.34 24.33
CA THR D 172 -27.29 14.00 23.76
C THR D 172 -27.01 14.13 22.27
N MET D 173 -25.95 13.46 21.81
CA MET D 173 -25.55 13.49 20.41
C MET D 173 -26.11 12.26 19.71
N VAL D 174 -26.96 12.46 18.70
CA VAL D 174 -27.56 11.35 17.98
C VAL D 174 -26.88 11.22 16.61
N PHE D 175 -26.32 10.05 16.33
CA PHE D 175 -25.71 9.73 15.04
C PHE D 175 -26.54 8.61 14.40
N GLU D 176 -27.25 8.94 13.33
CA GLU D 176 -28.14 8.00 12.67
C GLU D 176 -27.78 7.87 11.19
N SER D 177 -27.80 6.63 10.69
CA SER D 177 -27.56 6.36 9.28
C SER D 177 -28.89 6.28 8.54
N PHE D 178 -28.85 6.66 7.26
CA PHE D 178 -30.05 6.62 6.44
C PHE D 178 -29.66 6.49 4.97
N GLY D 179 -30.64 6.10 4.16
CA GLY D 179 -30.49 6.06 2.71
C GLY D 179 -31.28 7.20 2.09
N PHE D 180 -30.62 7.91 1.18
CA PHE D 180 -31.28 9.05 0.53
C PHE D 180 -32.53 8.63 -0.25
N LYS D 181 -32.56 7.39 -0.75
CA LYS D 181 -33.72 6.94 -1.50
C LYS D 181 -34.97 6.86 -0.63
N HIS D 182 -34.80 6.72 0.68
CA HIS D 182 -35.92 6.68 1.60
C HIS D 182 -36.27 8.04 2.20
N GLY D 183 -35.36 9.01 2.12
CA GLY D 183 -35.61 10.33 2.66
C GLY D 183 -34.75 10.63 3.87
N ILE D 184 -34.65 11.91 4.19
CA ILE D 184 -33.83 12.37 5.32
C ILE D 184 -34.62 12.27 6.61
N PRO D 185 -34.03 11.75 7.69
CA PRO D 185 -34.74 11.68 8.97
C PRO D 185 -35.25 13.06 9.37
N ILE D 186 -36.50 13.10 9.85
CA ILE D 186 -37.17 14.37 10.09
C ILE D 186 -36.44 15.20 11.15
N ASP D 187 -35.87 14.54 12.16
CA ASP D 187 -35.25 15.20 13.30
C ASP D 187 -33.78 15.57 13.09
N ALA D 188 -33.22 15.29 11.93
CA ALA D 188 -31.79 15.50 11.73
C ALA D 188 -31.45 16.98 11.72
N ASP D 189 -30.33 17.33 12.35
CA ASP D 189 -29.82 18.70 12.35
C ASP D 189 -28.69 18.88 11.35
N TYR D 190 -27.74 17.95 11.29
CA TYR D 190 -26.70 17.91 10.26
C TYR D 190 -26.87 16.65 9.42
N VAL D 191 -26.65 16.79 8.12
CA VAL D 191 -26.70 15.68 7.18
C VAL D 191 -25.44 15.71 6.34
N PHE D 192 -24.74 14.57 6.25
CA PHE D 192 -23.52 14.44 5.48
C PHE D 192 -23.68 13.32 4.46
N ASP D 193 -23.41 13.64 3.20
CA ASP D 193 -23.46 12.69 2.10
C ASP D 193 -22.10 12.02 1.97
N VAL D 194 -22.09 10.69 1.97
CA VAL D 194 -20.87 9.89 1.88
C VAL D 194 -20.86 9.02 0.62
N ARG D 195 -21.73 9.32 -0.34
CA ARG D 195 -21.84 8.49 -1.53
C ARG D 195 -20.66 8.66 -2.47
N PHE D 196 -19.72 9.55 -2.16
CA PHE D 196 -18.49 9.72 -2.93
C PHE D 196 -17.37 8.83 -2.45
N LEU D 197 -17.53 8.17 -1.30
CA LEU D 197 -16.49 7.33 -0.74
C LEU D 197 -16.47 5.94 -1.40
N PRO D 198 -15.38 5.20 -1.24
CA PRO D 198 -15.34 3.83 -1.75
C PRO D 198 -16.58 3.02 -1.34
N ASN D 199 -17.10 2.24 -2.28
CA ASN D 199 -18.33 1.49 -2.09
C ASN D 199 -18.02 0.04 -1.79
N PRO D 200 -18.61 -0.56 -0.76
CA PRO D 200 -18.44 -2.00 -0.56
C PRO D 200 -19.26 -2.84 -1.52
N HIS D 201 -20.18 -2.22 -2.28
CA HIS D 201 -20.91 -2.91 -3.34
C HIS D 201 -19.98 -3.28 -4.50
N TRP D 202 -18.68 -3.40 -4.22
CA TRP D 202 -17.67 -3.76 -5.20
C TRP D 202 -16.93 -5.04 -4.86
N ASP D 203 -16.86 -5.42 -3.59
CA ASP D 203 -16.61 -6.80 -3.21
C ASP D 203 -17.98 -7.45 -3.12
N PRO D 204 -18.42 -8.20 -4.14
CA PRO D 204 -19.82 -8.65 -4.17
C PRO D 204 -20.22 -9.56 -3.01
N LYS D 205 -19.26 -10.04 -2.21
CA LYS D 205 -19.60 -10.81 -1.01
C LYS D 205 -20.04 -9.93 0.16
N LEU D 206 -20.19 -8.62 -0.07
CA LEU D 206 -20.58 -7.69 0.99
C LEU D 206 -21.96 -7.07 0.78
N ARG D 207 -22.56 -7.23 -0.40
CA ARG D 207 -23.87 -6.63 -0.67
C ARG D 207 -24.94 -7.01 0.36
N PRO D 208 -25.03 -8.25 0.86
CA PRO D 208 -26.01 -8.53 1.91
C PRO D 208 -25.52 -8.18 3.31
N MET D 209 -24.25 -7.85 3.48
CA MET D 209 -23.74 -7.48 4.80
C MET D 209 -24.08 -6.03 5.14
N THR D 210 -23.98 -5.70 6.41
CA THR D 210 -24.26 -4.37 6.92
C THR D 210 -22.97 -3.71 7.40
N GLY D 211 -23.05 -2.41 7.65
CA GLY D 211 -21.87 -1.66 8.06
C GLY D 211 -21.27 -2.13 9.37
N LEU D 212 -22.04 -2.83 10.20
CA LEU D 212 -21.52 -3.38 11.45
C LEU D 212 -20.67 -4.63 11.24
N ASP D 213 -20.84 -5.35 10.13
CA ASP D 213 -20.13 -6.61 9.95
C ASP D 213 -18.66 -6.35 9.67
N LYS D 214 -17.80 -7.10 10.37
CA LYS D 214 -16.36 -6.86 10.29
C LYS D 214 -15.79 -6.89 8.87
N PRO D 215 -16.26 -7.74 7.95
CA PRO D 215 -15.75 -7.64 6.57
C PRO D 215 -15.93 -6.25 5.95
N VAL D 216 -17.12 -5.67 6.08
CA VAL D 216 -17.37 -4.32 5.57
C VAL D 216 -16.48 -3.31 6.30
N ALA D 217 -16.29 -3.51 7.61
CA ALA D 217 -15.40 -2.65 8.37
C ALA D 217 -13.99 -2.69 7.79
N ALA D 218 -13.43 -3.90 7.63
CA ALA D 218 -12.07 -4.01 7.11
C ALA D 218 -11.96 -3.42 5.71
N PHE D 219 -12.97 -3.63 4.87
CA PHE D 219 -12.97 -3.04 3.53
C PHE D 219 -12.85 -1.52 3.58
N LEU D 220 -13.73 -0.89 4.34
CA LEU D 220 -13.68 0.56 4.43
C LEU D 220 -12.44 1.03 5.17
N ASP D 221 -11.99 0.26 6.16
CA ASP D 221 -10.84 0.66 6.98
C ASP D 221 -9.56 0.81 6.16
N ARG D 222 -9.36 -0.02 5.13
CA ARG D 222 -8.14 0.10 4.34
C ARG D 222 -8.10 1.38 3.51
N HIS D 223 -9.24 1.98 3.20
CA HIS D 223 -9.25 3.22 2.44
C HIS D 223 -8.96 4.42 3.35
N THR D 224 -8.06 5.31 2.90
CA THR D 224 -7.67 6.46 3.73
C THR D 224 -8.76 7.52 3.78
N GLU D 225 -9.49 7.71 2.68
CA GLU D 225 -10.50 8.77 2.66
C GLU D 225 -11.62 8.52 3.67
N VAL D 226 -11.89 7.25 3.98
CA VAL D 226 -12.84 6.92 5.03
C VAL D 226 -12.34 7.46 6.37
N HIS D 227 -11.06 7.23 6.66
CA HIS D 227 -10.48 7.75 7.90
C HIS D 227 -10.43 9.27 7.90
N ASN D 228 -10.14 9.88 6.76
CA ASN D 228 -10.15 11.33 6.69
C ASN D 228 -11.55 11.87 6.91
N PHE D 229 -12.56 11.23 6.33
CA PHE D 229 -13.93 11.73 6.47
C PHE D 229 -14.39 11.70 7.91
N ILE D 230 -14.18 10.56 8.59
CA ILE D 230 -14.56 10.47 10.00
C ILE D 230 -13.82 11.54 10.81
N TYR D 231 -12.50 11.60 10.64
CA TYR D 231 -11.68 12.57 11.39
C TYR D 231 -12.11 14.00 11.11
N GLN D 232 -12.22 14.38 9.84
CA GLN D 232 -12.55 15.75 9.49
C GLN D 232 -13.98 16.13 9.87
N THR D 233 -14.92 15.18 9.81
CA THR D 233 -16.30 15.50 10.14
C THR D 233 -16.47 15.79 11.62
N ARG D 234 -15.92 14.92 12.48
CA ARG D 234 -16.00 15.15 13.93
C ARG D 234 -15.15 16.34 14.35
N SER D 235 -14.03 16.60 13.65
CA SER D 235 -13.26 17.80 13.95
C SER D 235 -14.08 19.03 13.67
N TYR D 236 -14.86 19.01 12.58
CA TYR D 236 -15.73 20.12 12.23
C TYR D 236 -16.83 20.29 13.28
N LEU D 237 -17.40 19.18 13.75
CA LEU D 237 -18.45 19.25 14.77
C LEU D 237 -17.92 19.75 16.10
N GLU D 238 -16.70 19.34 16.47
CA GLU D 238 -16.11 19.80 17.72
C GLU D 238 -15.88 21.30 17.73
N LEU D 239 -15.76 21.93 16.57
CA LEU D 239 -15.60 23.38 16.52
C LEU D 239 -16.84 24.07 17.06
N TRP D 240 -18.02 23.49 16.79
CA TRP D 240 -19.28 24.06 17.22
C TRP D 240 -19.91 23.30 18.38
N LEU D 241 -19.33 22.19 18.81
CA LEU D 241 -19.93 21.42 19.90
C LEU D 241 -20.02 22.22 21.20
N PRO D 242 -19.02 23.00 21.61
CA PRO D 242 -19.23 23.87 22.77
C PRO D 242 -20.35 24.89 22.57
N MET D 243 -20.47 25.45 21.36
CA MET D 243 -21.51 26.42 21.08
C MET D 243 -22.89 25.78 20.93
N LEU D 244 -22.96 24.55 20.43
CA LEU D 244 -24.24 23.86 20.34
C LEU D 244 -24.75 23.40 21.69
N GLU D 245 -23.85 23.20 22.66
CA GLU D 245 -24.26 22.81 24.00
C GLU D 245 -24.96 23.94 24.74
N THR D 246 -24.88 25.18 24.25
CA THR D 246 -25.48 26.25 25.03
C THR D 246 -27.00 26.20 24.93
N ASN D 247 -27.65 27.12 25.61
CA ASN D 247 -29.12 27.15 25.68
C ASN D 247 -29.52 25.86 26.39
N ASN D 248 -30.69 25.32 26.09
CA ASN D 248 -31.06 24.02 26.64
C ASN D 248 -31.31 23.04 25.50
N ARG D 249 -30.28 22.76 24.70
CA ARG D 249 -30.42 21.76 23.64
C ARG D 249 -30.60 20.38 24.24
N SER D 250 -31.65 19.69 23.80
CA SER D 250 -31.89 18.34 24.28
C SER D 250 -31.24 17.29 23.39
N TYR D 251 -31.14 17.56 22.09
CA TYR D 251 -30.61 16.59 21.14
C TYR D 251 -29.78 17.28 20.07
N LEU D 252 -28.70 16.61 19.65
CA LEU D 252 -27.96 16.98 18.45
C LEU D 252 -27.92 15.75 17.56
N THR D 253 -28.68 15.77 16.47
CA THR D 253 -28.86 14.62 15.60
C THR D 253 -28.07 14.83 14.31
N VAL D 254 -27.08 13.97 14.07
CA VAL D 254 -26.21 14.03 12.90
C VAL D 254 -26.52 12.82 12.04
N ALA D 255 -27.00 13.06 10.83
CA ALA D 255 -27.43 12.00 9.91
C ALA D 255 -26.38 11.78 8.85
N ILE D 256 -25.93 10.54 8.71
CA ILE D 256 -24.94 10.15 7.70
C ILE D 256 -25.69 9.36 6.64
N GLY D 257 -25.57 9.80 5.38
CA GLY D 257 -26.36 9.20 4.33
C GLY D 257 -25.60 8.65 3.13
N CYS D 258 -25.81 7.38 2.81
CA CYS D 258 -25.41 6.79 1.55
C CYS D 258 -26.68 6.45 0.78
N THR D 259 -26.55 5.64 -0.27
CA THR D 259 -27.69 5.35 -1.13
C THR D 259 -28.66 4.37 -0.49
N GLY D 260 -28.15 3.23 0.00
CA GLY D 260 -28.99 2.21 0.58
C GLY D 260 -29.15 2.31 2.09
N GLY D 261 -28.22 2.99 2.75
CA GLY D 261 -28.28 3.13 4.19
C GLY D 261 -27.90 1.89 4.97
N LYS D 262 -27.18 0.95 4.35
CA LYS D 262 -26.78 -0.29 5.00
C LYS D 262 -25.28 -0.50 5.09
N HIS D 263 -24.49 0.11 4.20
CA HIS D 263 -23.06 -0.14 4.16
C HIS D 263 -22.24 1.04 4.69
N ARG D 264 -22.03 2.07 3.85
CA ARG D 264 -21.11 3.14 4.24
C ARG D 264 -21.67 3.97 5.39
N SER D 265 -22.93 4.41 5.26
CA SER D 265 -23.51 5.31 6.26
C SER D 265 -23.53 4.65 7.64
N VAL D 266 -23.83 3.36 7.70
CA VAL D 266 -23.89 2.67 9.00
C VAL D 266 -22.51 2.69 9.65
N TYR D 267 -21.47 2.31 8.90
CA TYR D 267 -20.13 2.22 9.47
C TYR D 267 -19.61 3.58 9.93
N ILE D 268 -19.81 4.61 9.13
CA ILE D 268 -19.31 5.94 9.48
C ILE D 268 -20.05 6.49 10.69
N ALA D 269 -21.37 6.33 10.73
CA ALA D 269 -22.13 6.82 11.88
C ALA D 269 -21.68 6.14 13.16
N GLU D 270 -21.48 4.82 13.12
CA GLU D 270 -20.98 4.11 14.29
C GLU D 270 -19.59 4.59 14.69
N GLN D 271 -18.71 4.78 13.71
CA GLN D 271 -17.35 5.21 14.02
C GLN D 271 -17.35 6.63 14.58
N LEU D 272 -18.22 7.49 14.05
CA LEU D 272 -18.33 8.84 14.60
C LEU D 272 -18.88 8.80 16.01
N ALA D 273 -19.90 7.96 16.25
CA ALA D 273 -20.45 7.82 17.59
C ALA D 273 -19.41 7.34 18.58
N ASP D 274 -18.66 6.30 18.21
CA ASP D 274 -17.62 5.75 19.09
C ASP D 274 -16.56 6.79 19.43
N TYR D 275 -16.29 7.73 18.53
CA TYR D 275 -15.28 8.74 18.83
C TYR D 275 -15.73 9.61 20.00
N PHE D 276 -16.94 10.17 19.91
CA PHE D 276 -17.43 11.08 20.94
C PHE D 276 -17.69 10.36 22.26
N ARG D 277 -17.97 9.06 22.23
CA ARG D 277 -18.03 8.27 23.46
C ARG D 277 -16.70 8.30 24.20
N SER D 278 -15.60 8.21 23.45
CA SER D 278 -14.28 8.34 24.09
C SER D 278 -14.11 9.73 24.67
N ARG D 279 -14.80 10.71 24.10
CA ARG D 279 -14.72 12.08 24.57
C ARG D 279 -15.65 12.36 25.75
N GLY D 280 -16.31 11.35 26.29
CA GLY D 280 -17.16 11.53 27.45
C GLY D 280 -18.52 12.13 27.16
N LYS D 281 -19.01 11.98 25.93
CA LYS D 281 -20.31 12.53 25.59
C LYS D 281 -21.38 11.46 25.72
N ASN D 282 -22.62 11.91 25.87
CA ASN D 282 -23.77 11.00 25.91
C ASN D 282 -24.30 10.92 24.49
N VAL D 283 -24.17 9.73 23.88
CA VAL D 283 -24.55 9.56 22.48
C VAL D 283 -25.33 8.27 22.35
N GLN D 284 -26.16 8.23 21.32
CA GLN D 284 -26.83 7.01 20.90
C GLN D 284 -26.76 6.96 19.38
N SER D 285 -26.61 5.77 18.84
CA SER D 285 -26.58 5.56 17.41
C SER D 285 -27.80 4.73 17.03
N ARG D 286 -28.36 5.02 15.86
CA ARG D 286 -29.58 4.36 15.42
C ARG D 286 -29.53 4.25 13.91
N HIS D 287 -29.76 3.05 13.39
CA HIS D 287 -29.64 2.79 11.96
C HIS D 287 -31.06 2.53 11.45
N ARG D 288 -31.67 3.57 10.90
CA ARG D 288 -33.09 3.54 10.56
C ARG D 288 -33.43 2.39 9.61
N THR D 289 -32.54 2.09 8.68
CA THR D 289 -32.84 1.04 7.71
C THR D 289 -32.69 -0.36 8.29
N LEU D 290 -31.76 -0.56 9.22
CA LEU D 290 -31.47 -1.89 9.76
C LEU D 290 -32.44 -2.28 10.88
N GLU D 291 -33.64 -1.71 10.87
CA GLU D 291 -34.67 -1.98 11.88
C GLU D 291 -36.03 -2.14 11.21
N LYS D 292 -36.05 -2.71 10.01
CA LYS D 292 -37.26 -2.95 9.22
C LYS D 292 -37.96 -1.64 8.89
N ARG D 293 -37.44 -0.99 7.85
CA ARG D 293 -37.99 0.27 7.36
C ARG D 293 -37.45 0.60 5.97
S SO4 E . -8.30 -15.31 -25.53
O1 SO4 E . -9.43 -15.13 -24.63
O2 SO4 E . -8.50 -16.53 -26.32
O3 SO4 E . -7.05 -15.44 -24.75
O4 SO4 E . -8.20 -14.14 -26.41
S SO4 F . 14.27 -20.29 6.19
O1 SO4 F . 14.91 -20.73 4.95
O2 SO4 F . 12.83 -20.18 5.99
O3 SO4 F . 14.55 -21.27 7.25
O4 SO4 F . 14.81 -18.99 6.59
S SO4 G . 15.67 -14.62 9.10
O1 SO4 G . 15.82 -15.00 7.70
O2 SO4 G . 14.52 -15.32 9.67
O3 SO4 G . 16.87 -14.98 9.84
O4 SO4 G . 15.45 -13.18 9.18
S SO4 H . 10.07 -21.84 7.27
O1 SO4 H . 9.76 -21.85 5.84
O2 SO4 H . 9.30 -22.88 7.96
O3 SO4 H . 11.49 -22.15 7.45
O4 SO4 H . 9.78 -20.55 7.87
S SO4 I . 1.37 1.88 17.93
O1 SO4 I . 0.34 1.33 17.04
O2 SO4 I . 1.98 3.07 17.34
O3 SO4 I . 2.39 0.86 18.14
O4 SO4 I . 0.75 2.22 19.21
S SO4 J . -6.42 14.45 17.15
O1 SO4 J . -6.31 15.53 16.15
O2 SO4 J . -7.14 13.30 16.61
O3 SO4 J . -5.07 14.04 17.56
O4 SO4 J . -7.14 14.93 18.33
S SO4 K . 42.60 -19.14 -14.17
O1 SO4 K . 42.97 -18.98 -15.58
O2 SO4 K . 42.24 -20.52 -13.91
O3 SO4 K . 43.72 -18.75 -13.31
O4 SO4 K . 41.46 -18.26 -13.87
S SO4 L . 13.12 -4.12 -17.72
O1 SO4 L . 13.86 -4.31 -18.97
O2 SO4 L . 11.69 -4.25 -18.00
O3 SO4 L . 13.48 -5.17 -16.77
O4 SO4 L . 13.43 -2.80 -17.16
S SO4 M . -1.78 -2.55 -16.56
O1 SO4 M . -1.51 -2.75 -17.99
O2 SO4 M . -3.13 -2.04 -16.40
O3 SO4 M . -0.82 -1.57 -16.03
O4 SO4 M . -1.67 -3.81 -15.83
S SO4 N . -4.57 -4.15 -10.03
O1 SO4 N . -4.33 -5.49 -10.54
O2 SO4 N . -6.01 -3.83 -10.12
O3 SO4 N . -3.83 -3.17 -10.84
O4 SO4 N . -4.13 -4.11 -8.65
S SO4 O . 3.05 -9.04 -16.78
O1 SO4 O . 3.49 -8.12 -17.83
O2 SO4 O . 2.42 -10.21 -17.38
O3 SO4 O . 4.21 -9.45 -15.99
O4 SO4 O . 2.08 -8.36 -15.91
S SO4 P . -34.44 32.12 13.31
O1 SO4 P . -34.63 31.44 12.03
O2 SO4 P . -35.73 32.22 13.99
O3 SO4 P . -33.50 31.38 14.13
O4 SO4 P . -33.92 33.47 13.06
S SO4 Q . -2.90 -7.65 -13.26
O1 SO4 Q . -1.93 -7.66 -14.35
O2 SO4 Q . -4.20 -8.09 -13.77
O3 SO4 Q . -2.46 -8.55 -12.21
O4 SO4 Q . -3.01 -6.29 -12.74
S SO4 R . -24.88 1.87 -1.55
O1 SO4 R . -24.98 0.93 -2.66
O2 SO4 R . -26.19 2.02 -0.93
O3 SO4 R . -24.44 3.16 -2.07
O4 SO4 R . -23.94 1.38 -0.56
S SO4 S . -6.31 -6.09 31.58
O1 SO4 S . -6.38 -6.23 30.12
O2 SO4 S . -6.93 -7.25 32.20
O3 SO4 S . -4.92 -6.00 31.99
O4 SO4 S . -7.06 -4.89 32.00
#